data_7RYO
#
_entry.id   7RYO
#
_cell.length_a   234.881
_cell.length_b   42.239
_cell.length_c   124.656
_cell.angle_alpha   90.000
_cell.angle_beta   113.348
_cell.angle_gamma   90.000
#
_symmetry.space_group_name_H-M   'C 1 2 1'
#
loop_
_entity.id
_entity.type
_entity.pdbx_description
1 polymer 'T-cell surface glycoprotein CD1a'
2 polymer Beta-2-microglobulin
3 polymer 'T cell receptor gamma variable 4,T cell receptor beta constant 1'
4 polymer 'T cell receptor delta variable 1,T cell receptor alpha chain constant'
5 non-polymer 1,2-ETHANEDIOL
6 non-polymer dideoxymycobactin-838
7 non-polymer 'SULFATE ION'
#
loop_
_entity_poly.entity_id
_entity_poly.type
_entity_poly.pdbx_seq_one_letter_code
_entity_poly.pdbx_strand_id
1 'polypeptide(L)'
;DAATGLKEPLSFHVIWIASFYNHSWKQNLVSGWLSDLQTHTWDSNSSTIVFLWPWSRGNFSNEEWKELETLFRIRTIRSF
EGIRRYAHELQFEYPFEIQVTGGCELHSGKVSGSFLQLAYQGSDFVSFQNNSWLPYPVAGNMAKHFCKVLNQNQHENDIT
HNLLSDTCPRFILGLLDAGKAHLQRQVKPEAWLSHGPSPGPGHLQLVCHVSGFYPKPVWVMWMRGEQEQQGTQRGDILPS
ADGTWYLRATLEVAAGEAADLSCRVKHSSLEGQDIVLYWEGSLVPR
;
A
2 'polypeptide(L)'
;DAGIQRTPKIQVYSRHPAENGKSNFLNCYVSGFHPSDIEVDLLKNGERIEKVEHSDLSFSKDWSFYLLYYTEFTPTEKDE
YACRVNHVTLSQPKIVKWDRDMGSLVPR
;
B
3 'polypeptide(L)'
;MASSNLEGRTKSVIRQTGSSAEITCDLAEGSTGYIHWYLHQEGKAPQRLLYYDSYTSSVVLESGISPGKYDTYGSTRKNL
RMILRNLIENDSGVYYCATWDGDYYKKLFGSGTTLVVTEDLKNVFPPEVAVFEPSEAEISHTQKATLVCLATGFYPDHVE
LSWWVNGKEVHSGVCTDPQPLKEQPALNDSRYALSSRLRVSATFWQNPRNHFRCQVQFYGLSENDEWTQDRAKPVTQIVS
AEAWGRAD
;
C
4 'polypeptide(L)'
;MAQKVTQAQSSVSMPVRKAVTLNCLYETSWWSYYIFWYKQLPSKEMIFLIRQGSDEQNAKSGRYSVNFKKAAKSVALTIS
ALQLEDSAKYFCALGELRWPDKLIFGKGTRVTVEPNIQNPDPAVYQLRDSKSSDKSVCLFTDFDSQTNVSQSKDSDVYIT
DKCVLDMRSMDFKSNSAVAWSNKSDFACANAFNNSIIPEDTFFPSPESS
;
D
#
# COMPACT_ATOMS: atom_id res chain seq x y z
N PRO A 9 6.62 16.88 39.99
CA PRO A 9 6.69 18.33 40.22
C PRO A 9 7.07 19.11 38.96
N LEU A 10 8.31 19.60 38.92
CA LEU A 10 8.84 20.28 37.75
C LEU A 10 9.89 19.37 37.12
N SER A 11 9.69 19.03 35.86
CA SER A 11 10.60 18.13 35.15
C SER A 11 10.76 18.62 33.72
N PHE A 12 12.01 18.72 33.27
CA PHE A 12 12.29 18.99 31.87
C PHE A 12 12.73 17.69 31.22
N HIS A 13 12.02 17.30 30.16
CA HIS A 13 12.32 16.09 29.42
C HIS A 13 12.21 16.37 27.94
N VAL A 14 12.95 15.60 27.15
CA VAL A 14 12.91 15.66 25.70
C VAL A 14 12.33 14.35 25.19
N ILE A 15 11.28 14.44 24.40
CA ILE A 15 10.60 13.27 23.88
C ILE A 15 11.14 12.96 22.48
N TRP A 16 10.85 11.76 22.00
CA TRP A 16 11.30 11.33 20.68
C TRP A 16 10.30 10.31 20.16
N ILE A 17 9.71 10.58 19.00
CA ILE A 17 8.68 9.73 18.41
C ILE A 17 9.17 9.25 17.05
N ALA A 18 9.17 7.93 16.86
CA ALA A 18 9.57 7.32 15.59
C ALA A 18 8.47 6.36 15.16
N SER A 19 7.71 6.73 14.15
CA SER A 19 6.61 5.94 13.63
C SER A 19 7.00 5.34 12.29
N PHE A 20 6.74 4.04 12.12
CA PHE A 20 7.07 3.32 10.90
C PHE A 20 5.80 2.65 10.39
N TYR A 21 5.11 3.30 9.46
CA TYR A 21 3.82 2.78 9.00
C TYR A 21 4.00 1.58 8.08
N ASN A 22 4.95 1.64 7.17
CA ASN A 22 5.30 0.50 6.33
C ASN A 22 6.77 0.63 5.95
N HIS A 23 7.20 -0.12 4.93
CA HIS A 23 8.60 -0.09 4.54
C HIS A 23 9.02 1.29 4.03
N SER A 24 8.08 2.04 3.45
CA SER A 24 8.28 3.44 3.17
C SER A 24 7.64 4.26 4.30
N TRP A 25 7.66 5.58 4.15
CA TRP A 25 6.84 6.48 4.96
C TRP A 25 7.13 6.30 6.46
N LYS A 26 8.33 6.69 6.84
CA LYS A 26 8.71 6.74 8.25
C LYS A 26 8.57 8.17 8.77
N GLN A 27 8.08 8.28 10.00
CA GLN A 27 7.84 9.57 10.64
C GLN A 27 8.77 9.74 11.83
N ASN A 28 9.21 10.97 12.06
CA ASN A 28 10.13 11.25 13.15
C ASN A 28 9.85 12.63 13.74
N LEU A 29 9.74 12.69 15.07
CA LEU A 29 9.47 13.94 15.78
C LEU A 29 10.32 14.00 17.04
N VAL A 30 10.81 15.19 17.37
CA VAL A 30 11.54 15.45 18.60
C VAL A 30 11.00 16.73 19.22
N SER A 31 10.76 16.68 20.54
CA SER A 31 10.17 17.83 21.23
C SER A 31 10.74 17.94 22.63
N GLY A 32 10.74 19.16 23.16
CA GLY A 32 11.13 19.43 24.53
C GLY A 32 9.96 20.00 25.30
N TRP A 33 9.89 19.65 26.59
CA TRP A 33 8.70 19.94 27.38
C TRP A 33 9.08 20.34 28.80
N LEU A 34 8.43 21.39 29.31
CA LEU A 34 8.49 21.73 30.72
C LEU A 34 7.30 21.13 31.48
N SER A 35 7.12 19.83 31.27
CA SER A 35 6.20 18.93 31.98
C SER A 35 4.73 19.14 31.63
N ASP A 36 4.38 20.26 31.01
CA ASP A 36 3.10 20.37 30.32
C ASP A 36 3.24 21.25 29.09
N LEU A 37 4.31 22.02 29.03
CA LEU A 37 4.47 23.11 28.07
C LEU A 37 5.62 22.78 27.13
N GLN A 38 5.33 22.77 25.83
CA GLN A 38 6.37 22.51 24.85
C GLN A 38 7.25 23.74 24.70
N THR A 39 8.56 23.55 24.80
CA THR A 39 9.51 24.64 24.73
C THR A 39 10.45 24.57 23.54
N HIS A 40 10.70 23.38 22.97
CA HIS A 40 11.60 23.23 21.84
C HIS A 40 10.96 22.32 20.81
N THR A 41 11.38 22.50 19.56
CA THR A 41 10.95 21.65 18.46
C THR A 41 12.13 21.46 17.51
N TRP A 42 12.18 20.30 16.87
CA TRP A 42 13.25 19.97 15.95
C TRP A 42 12.78 20.17 14.51
N ASP A 43 13.55 20.94 13.73
CA ASP A 43 13.26 21.18 12.32
C ASP A 43 14.09 20.21 11.49
N SER A 44 13.42 19.20 10.93
CA SER A 44 14.11 18.23 10.09
C SER A 44 14.55 18.83 8.76
N ASN A 45 13.96 19.96 8.35
CA ASN A 45 14.35 20.59 7.09
C ASN A 45 15.81 21.06 7.13
N SER A 46 16.22 21.66 8.24
CA SER A 46 17.57 22.21 8.36
C SER A 46 18.36 21.64 9.52
N SER A 47 17.81 20.66 10.26
CA SER A 47 18.47 20.05 11.40
C SER A 47 18.89 21.11 12.42
N THR A 48 17.90 21.83 12.93
CA THR A 48 18.11 22.88 13.90
C THR A 48 17.06 22.78 15.00
N ILE A 49 17.39 23.36 16.16
CA ILE A 49 16.47 23.40 17.30
C ILE A 49 15.65 24.68 17.20
N VAL A 50 14.34 24.52 17.06
CA VAL A 50 13.42 25.66 17.01
C VAL A 50 12.98 26.00 18.43
N PHE A 51 13.12 27.27 18.80
CA PHE A 51 12.80 27.75 20.14
C PHE A 51 11.42 28.37 20.13
N LEU A 52 10.48 27.77 20.86
CA LEU A 52 9.11 28.24 20.84
C LEU A 52 8.95 29.53 21.65
N TRP A 53 9.80 29.76 22.64
CA TRP A 53 9.73 30.95 23.46
C TRP A 53 11.08 31.63 23.51
N PRO A 54 11.11 32.96 23.66
CA PRO A 54 12.40 33.65 23.74
C PRO A 54 13.26 33.22 24.92
N TRP A 55 12.64 32.84 26.04
CA TRP A 55 13.36 32.41 27.22
C TRP A 55 13.77 30.95 27.18
N SER A 56 13.36 30.21 26.15
CA SER A 56 13.66 28.78 26.07
C SER A 56 15.13 28.50 25.80
N ARG A 57 15.93 29.52 25.46
CA ARG A 57 17.36 29.31 25.29
C ARG A 57 18.10 29.19 26.61
N GLY A 58 17.46 29.53 27.73
CA GLY A 58 18.06 29.40 29.04
C GLY A 58 19.30 30.26 29.20
N ASN A 59 20.23 29.78 30.01
CA ASN A 59 21.51 30.43 30.23
C ASN A 59 22.63 29.82 29.39
N PHE A 60 22.30 28.94 28.45
CA PHE A 60 23.29 28.34 27.58
C PHE A 60 23.71 29.32 26.50
N SER A 61 25.02 29.35 26.21
CA SER A 61 25.55 30.23 25.19
C SER A 61 25.13 29.76 23.80
N ASN A 62 25.25 30.67 22.84
CA ASN A 62 24.87 30.35 21.47
C ASN A 62 25.76 29.25 20.90
N GLU A 63 27.06 29.30 21.19
CA GLU A 63 27.96 28.24 20.73
C GLU A 63 27.62 26.91 21.39
N GLU A 64 27.24 26.94 22.68
CA GLU A 64 26.87 25.71 23.36
C GLU A 64 25.62 25.08 22.76
N TRP A 65 24.71 25.89 22.22
CA TRP A 65 23.53 25.35 21.57
C TRP A 65 23.86 24.69 20.23
N LYS A 66 24.87 25.20 19.52
CA LYS A 66 25.24 24.60 18.24
C LYS A 66 25.73 23.17 18.42
N GLU A 67 26.53 22.92 19.46
CA GLU A 67 27.00 21.57 19.73
C GLU A 67 25.84 20.63 20.07
N LEU A 68 24.84 21.14 20.79
CA LEU A 68 23.65 20.34 21.05
C LEU A 68 22.92 20.00 19.76
N GLU A 69 22.86 20.95 18.82
CA GLU A 69 22.24 20.68 17.53
C GLU A 69 22.97 19.57 16.79
N THR A 70 24.30 19.66 16.72
CA THR A 70 25.07 18.62 16.05
C THR A 70 24.93 17.29 16.77
N LEU A 71 24.89 17.33 18.10
CA LEU A 71 24.69 16.10 18.88
C LEU A 71 23.36 15.45 18.54
N PHE A 72 22.28 16.25 18.56
CA PHE A 72 20.96 15.70 18.26
C PHE A 72 20.84 15.33 16.78
N ARG A 73 21.46 16.11 15.90
CA ARG A 73 21.40 15.79 14.47
C ARG A 73 22.12 14.48 14.18
N ILE A 74 23.34 14.33 14.68
CA ILE A 74 24.10 13.09 14.45
C ILE A 74 23.42 11.91 15.13
N ARG A 75 22.95 12.11 16.37
CA ARG A 75 22.28 11.02 17.08
C ARG A 75 21.03 10.58 16.34
N THR A 76 20.24 11.53 15.84
CA THR A 76 18.98 11.18 15.18
C THR A 76 19.22 10.38 13.91
N ILE A 77 20.16 10.85 13.07
CA ILE A 77 20.39 10.19 11.78
C ILE A 77 20.89 8.76 11.99
N ARG A 78 21.87 8.59 12.89
CA ARG A 78 22.40 7.26 13.15
C ARG A 78 21.34 6.35 13.77
N SER A 79 20.54 6.89 14.69
CA SER A 79 19.53 6.07 15.36
C SER A 79 18.35 5.80 14.44
N PHE A 80 17.75 6.86 13.89
CA PHE A 80 16.51 6.73 13.14
C PHE A 80 16.67 5.97 11.83
N GLU A 81 17.88 5.92 11.27
CA GLU A 81 18.10 5.17 10.04
C GLU A 81 18.54 3.73 10.30
N GLY A 82 19.19 3.47 11.43
CA GLY A 82 19.55 2.10 11.77
C GLY A 82 18.39 1.23 12.19
N ILE A 83 17.22 1.83 12.46
CA ILE A 83 16.05 1.04 12.80
C ILE A 83 15.62 0.18 11.63
N ARG A 84 15.73 0.73 10.42
CA ARG A 84 15.12 0.15 9.23
C ARG A 84 15.61 -1.28 8.98
N ARG A 85 16.90 -1.51 9.14
CA ARG A 85 17.42 -2.87 8.98
C ARG A 85 17.02 -3.75 10.16
N TYR A 86 16.93 -3.18 11.36
CA TYR A 86 16.57 -3.97 12.54
C TYR A 86 15.16 -4.54 12.40
N ALA A 87 14.23 -3.76 11.86
CA ALA A 87 12.89 -4.27 11.59
C ALA A 87 12.92 -5.47 10.66
N HIS A 88 13.88 -5.50 9.74
CA HIS A 88 14.08 -6.66 8.87
C HIS A 88 14.97 -7.70 9.52
N GLU A 89 16.03 -7.28 10.20
CA GLU A 89 16.89 -8.22 10.92
C GLU A 89 16.10 -8.95 12.00
N LEU A 90 15.33 -8.21 12.80
CA LEU A 90 14.38 -8.80 13.73
C LEU A 90 13.09 -9.11 12.97
N GLN A 91 12.01 -9.39 13.71
CA GLN A 91 10.72 -9.70 13.13
C GLN A 91 9.70 -8.62 13.43
N PHE A 92 10.10 -7.36 13.31
CA PHE A 92 9.19 -6.25 13.56
C PHE A 92 8.05 -6.26 12.55
N GLU A 93 6.85 -5.99 13.04
CA GLU A 93 5.64 -5.99 12.21
C GLU A 93 5.17 -4.55 12.03
N TYR A 94 5.21 -4.06 10.80
CA TYR A 94 4.66 -2.75 10.52
C TYR A 94 3.14 -2.77 10.67
N PRO A 95 2.55 -1.73 11.27
CA PRO A 95 3.25 -0.57 11.83
C PRO A 95 3.79 -0.79 13.24
N PHE A 96 4.89 -0.12 13.57
CA PHE A 96 5.45 -0.14 14.91
C PHE A 96 5.96 1.25 15.26
N GLU A 97 6.09 1.52 16.55
CA GLU A 97 6.49 2.84 17.02
C GLU A 97 7.51 2.72 18.14
N ILE A 98 8.49 3.63 18.13
CA ILE A 98 9.51 3.71 19.17
C ILE A 98 9.40 5.09 19.80
N GLN A 99 9.23 5.12 21.12
CA GLN A 99 9.13 6.37 21.88
C GLN A 99 10.23 6.43 22.92
N VAL A 100 10.87 7.59 23.01
CA VAL A 100 11.96 7.82 23.97
C VAL A 100 11.71 9.13 24.68
N THR A 101 11.91 9.13 26.00
CA THR A 101 11.83 10.35 26.79
C THR A 101 12.98 10.35 27.80
N GLY A 102 13.62 11.50 27.96
CA GLY A 102 14.72 11.64 28.90
C GLY A 102 14.85 13.05 29.42
N GLY A 103 15.17 13.19 30.69
CA GLY A 103 15.32 14.50 31.30
C GLY A 103 15.79 14.47 32.74
N CYS A 104 15.40 15.46 33.53
CA CYS A 104 15.82 15.54 34.92
C CYS A 104 14.72 16.17 35.76
N GLU A 105 14.76 15.88 37.06
CA GLU A 105 13.72 16.26 38.00
C GLU A 105 14.10 17.52 38.76
N LEU A 106 13.10 18.31 39.15
CA LEU A 106 13.30 19.42 40.09
C LEU A 106 12.79 18.95 41.46
N HIS A 107 13.66 18.22 42.16
CA HIS A 107 13.34 17.75 43.51
C HIS A 107 13.66 18.85 44.51
N SER A 108 12.67 19.19 45.34
CA SER A 108 12.78 20.30 46.28
C SER A 108 13.19 21.55 45.53
N GLY A 109 14.49 21.87 45.55
CA GLY A 109 15.00 22.88 44.65
C GLY A 109 15.06 22.38 43.22
N LYS A 110 16.01 21.49 42.94
CA LYS A 110 16.27 21.03 41.59
C LYS A 110 17.27 19.88 41.58
N VAL A 111 17.81 19.58 40.40
CA VAL A 111 19.03 18.79 40.21
C VAL A 111 18.77 17.29 40.16
N SER A 112 19.33 16.55 41.12
CA SER A 112 19.34 15.08 41.09
C SER A 112 17.95 14.52 40.76
N GLY A 113 17.93 13.44 39.98
CA GLY A 113 16.67 12.87 39.55
C GLY A 113 16.49 12.70 38.05
N SER A 114 17.59 12.51 37.31
CA SER A 114 17.50 12.34 35.86
C SER A 114 16.94 10.96 35.50
N PHE A 115 16.54 10.82 34.23
CA PHE A 115 15.92 9.59 33.75
C PHE A 115 16.06 9.53 32.23
N LEU A 116 15.87 8.31 31.70
CA LEU A 116 15.86 8.09 30.25
C LEU A 116 15.23 6.73 29.99
N GLN A 117 14.15 6.71 29.21
CA GLN A 117 13.38 5.50 28.96
C GLN A 117 13.05 5.38 27.47
N LEU A 118 12.92 4.14 27.00
CA LEU A 118 12.54 3.84 25.64
C LEU A 118 11.40 2.83 25.65
N ALA A 119 10.47 2.98 24.71
CA ALA A 119 9.30 2.12 24.64
C ALA A 119 9.08 1.65 23.21
N TYR A 120 8.87 0.35 23.04
CA TYR A 120 8.54 -0.24 21.74
C TYR A 120 7.07 -0.64 21.74
N GLN A 121 6.33 -0.15 20.74
CA GLN A 121 4.90 -0.40 20.61
C GLN A 121 4.13 0.03 21.86
N GLY A 122 4.54 1.16 22.43
CA GLY A 122 3.80 1.76 23.53
C GLY A 122 3.93 1.09 24.87
N SER A 123 4.93 0.24 25.06
CA SER A 123 5.16 -0.44 26.33
C SER A 123 6.61 -0.30 26.74
N ASP A 124 6.83 -0.22 28.05
CA ASP A 124 8.18 -0.07 28.60
C ASP A 124 9.10 -1.17 28.09
N PHE A 125 10.16 -0.77 27.40
CA PHE A 125 11.04 -1.70 26.73
C PHE A 125 12.44 -1.74 27.34
N VAL A 126 13.14 -0.60 27.37
CA VAL A 126 14.48 -0.50 27.95
C VAL A 126 14.59 0.85 28.65
N SER A 127 15.62 0.97 29.49
CA SER A 127 15.89 2.23 30.19
C SER A 127 17.38 2.32 30.49
N PHE A 128 17.87 3.55 30.60
CA PHE A 128 19.27 3.83 30.86
C PHE A 128 19.46 4.13 32.34
N GLN A 129 20.26 3.33 33.03
CA GLN A 129 20.46 3.47 34.47
C GLN A 129 21.91 3.84 34.75
N ASN A 130 22.21 5.13 34.59
CA ASN A 130 23.38 5.83 35.08
C ASN A 130 24.70 5.44 34.41
N ASN A 131 24.78 4.26 33.80
CA ASN A 131 25.83 4.03 32.81
C ASN A 131 25.41 2.99 31.77
N SER A 132 24.26 2.37 31.95
CA SER A 132 23.96 1.15 31.21
C SER A 132 22.47 1.06 30.93
N TRP A 133 22.14 0.34 29.86
CA TRP A 133 20.75 0.16 29.43
C TRP A 133 20.21 -1.12 30.06
N LEU A 134 19.33 -0.97 31.05
CA LEU A 134 18.69 -2.09 31.73
C LEU A 134 17.35 -2.40 31.08
N PRO A 135 17.14 -3.62 30.62
CA PRO A 135 15.83 -3.98 30.05
C PRO A 135 14.78 -4.11 31.14
N TYR A 136 13.53 -3.89 30.76
CA TYR A 136 12.43 -4.18 31.66
C TYR A 136 12.22 -5.68 31.73
N PRO A 137 12.12 -6.27 32.92
CA PRO A 137 11.96 -7.73 33.01
C PRO A 137 10.75 -8.25 32.26
N VAL A 138 9.65 -7.51 32.27
CA VAL A 138 8.45 -7.92 31.56
C VAL A 138 8.55 -7.74 30.06
N ALA A 139 9.57 -7.03 29.57
CA ALA A 139 9.73 -6.77 28.15
C ALA A 139 10.29 -7.97 27.38
N GLY A 140 10.81 -8.97 28.07
CA GLY A 140 11.27 -10.18 27.41
C GLY A 140 12.68 -10.07 26.85
N ASN A 141 13.01 -11.03 25.99
CA ASN A 141 14.37 -11.16 25.47
C ASN A 141 14.71 -10.11 24.43
N MET A 142 13.73 -9.64 23.65
CA MET A 142 14.04 -8.66 22.61
C MET A 142 14.58 -7.36 23.20
N ALA A 143 14.10 -6.98 24.39
CA ALA A 143 14.71 -5.86 25.10
C ALA A 143 16.16 -6.16 25.47
N LYS A 144 16.43 -7.39 25.89
CA LYS A 144 17.80 -7.77 26.22
C LYS A 144 18.69 -7.76 24.98
N HIS A 145 18.13 -8.15 23.83
CA HIS A 145 18.91 -8.12 22.60
C HIS A 145 19.26 -6.69 22.20
N PHE A 146 18.33 -5.75 22.39
CA PHE A 146 18.60 -4.36 22.08
C PHE A 146 19.36 -3.64 23.19
N CYS A 147 19.31 -4.15 24.42
CA CYS A 147 20.21 -3.63 25.45
C CYS A 147 21.66 -3.99 25.17
N LYS A 148 21.88 -5.17 24.58
CA LYS A 148 23.23 -5.54 24.16
C LYS A 148 23.77 -4.56 23.12
N VAL A 149 22.93 -4.19 22.15
CA VAL A 149 23.36 -3.25 21.11
C VAL A 149 23.67 -1.89 21.71
N LEU A 150 22.77 -1.38 22.56
CA LEU A 150 22.93 -0.03 23.10
C LEU A 150 24.10 0.06 24.06
N ASN A 151 24.38 -1.00 24.81
CA ASN A 151 25.47 -0.98 25.78
C ASN A 151 26.84 -1.19 25.13
N GLN A 152 26.89 -1.49 23.84
CA GLN A 152 28.17 -1.79 23.20
C GLN A 152 29.06 -0.54 23.11
N ASN A 153 28.55 0.52 22.50
CA ASN A 153 29.34 1.72 22.25
C ASN A 153 29.46 2.50 23.56
N GLN A 154 30.64 2.43 24.18
CA GLN A 154 30.86 3.13 25.44
C GLN A 154 30.85 4.64 25.26
N HIS A 155 31.40 5.13 24.14
CA HIS A 155 31.49 6.57 23.93
C HIS A 155 30.12 7.22 23.90
N GLU A 156 29.15 6.59 23.23
CA GLU A 156 27.80 7.14 23.21
C GLU A 156 27.18 7.15 24.59
N ASN A 157 27.42 6.09 25.38
CA ASN A 157 26.87 6.04 26.73
C ASN A 157 27.53 7.06 27.64
N ASP A 158 28.83 7.30 27.46
CA ASP A 158 29.48 8.37 28.21
C ASP A 158 28.89 9.73 27.87
N ILE A 159 28.59 9.95 26.59
CA ILE A 159 27.89 11.17 26.19
C ILE A 159 26.50 11.21 26.80
N THR A 160 25.78 10.09 26.75
CA THR A 160 24.45 10.03 27.33
C THR A 160 24.48 10.28 28.83
N HIS A 161 25.44 9.68 29.53
CA HIS A 161 25.57 9.90 30.96
C HIS A 161 25.85 11.36 31.27
N ASN A 162 26.75 11.98 30.51
CA ASN A 162 27.03 13.40 30.72
C ASN A 162 25.82 14.26 30.36
N LEU A 163 25.02 13.83 29.38
CA LEU A 163 23.83 14.59 29.00
C LEU A 163 22.80 14.58 30.13
N LEU A 164 22.63 13.44 30.80
CA LEU A 164 21.62 13.34 31.85
C LEU A 164 22.13 13.86 33.19
N SER A 165 23.43 13.82 33.44
CA SER A 165 23.99 14.16 34.74
C SER A 165 24.49 15.59 34.83
N ASP A 166 24.95 16.18 33.73
CA ASP A 166 25.51 17.52 33.75
C ASP A 166 24.69 18.53 32.96
N THR A 167 24.42 18.25 31.68
CA THR A 167 23.76 19.25 30.84
C THR A 167 22.33 19.50 31.27
N CYS A 168 21.57 18.43 31.59
CA CYS A 168 20.19 18.61 32.02
C CYS A 168 20.08 19.40 33.32
N PRO A 169 20.79 19.07 34.40
CA PRO A 169 20.66 19.90 35.61
C PRO A 169 21.10 21.34 35.40
N ARG A 170 22.13 21.56 34.60
CA ARG A 170 22.60 22.92 34.36
C ARG A 170 21.67 23.69 33.45
N PHE A 171 20.91 22.99 32.59
CA PHE A 171 20.01 23.68 31.68
C PHE A 171 18.71 24.07 32.36
N ILE A 172 18.06 23.11 33.04
CA ILE A 172 16.79 23.39 33.71
C ILE A 172 16.97 24.46 34.78
N LEU A 173 18.18 24.57 35.33
CA LEU A 173 18.46 25.62 36.31
C LEU A 173 18.29 27.00 35.69
N GLY A 174 18.90 27.21 34.51
CA GLY A 174 18.75 28.48 33.82
C GLY A 174 17.42 28.62 33.10
N LEU A 175 16.85 27.50 32.64
CA LEU A 175 15.57 27.57 31.93
C LEU A 175 14.45 28.05 32.83
N LEU A 176 14.39 27.54 34.07
CA LEU A 176 13.36 27.97 35.00
C LEU A 176 13.53 29.44 35.37
N ASP A 177 14.78 29.87 35.61
CA ASP A 177 15.02 31.26 35.98
C ASP A 177 14.69 32.21 34.85
N ALA A 178 15.10 31.87 33.62
CA ALA A 178 14.82 32.73 32.48
C ALA A 178 13.34 32.75 32.14
N GLY A 179 12.62 31.69 32.47
CA GLY A 179 11.19 31.62 32.20
C GLY A 179 10.34 31.91 33.42
N LYS A 180 10.94 32.58 34.42
CA LYS A 180 10.21 32.86 35.65
C LYS A 180 8.98 33.71 35.40
N ALA A 181 9.10 34.73 34.55
CA ALA A 181 7.96 35.62 34.30
C ALA A 181 6.81 34.87 33.66
N HIS A 182 7.10 33.97 32.72
CA HIS A 182 6.03 33.23 32.05
C HIS A 182 5.38 32.22 32.98
N LEU A 183 6.17 31.54 33.80
CA LEU A 183 5.64 30.48 34.65
C LEU A 183 4.88 31.03 35.86
N GLN A 184 5.38 32.11 36.45
CA GLN A 184 4.73 32.68 37.64
C GLN A 184 3.51 33.51 37.30
N ARG A 185 3.21 33.71 36.01
CA ARG A 185 2.10 34.55 35.62
C ARG A 185 0.77 33.95 36.06
N GLN A 186 -0.18 34.81 36.36
CA GLN A 186 -1.51 34.41 36.83
C GLN A 186 -2.56 34.94 35.85
N VAL A 187 -3.46 34.06 35.43
CA VAL A 187 -4.53 34.41 34.50
C VAL A 187 -5.86 34.04 35.13
N LYS A 188 -6.77 35.01 35.23
CA LYS A 188 -8.06 34.77 35.87
C LYS A 188 -8.94 33.89 35.01
N PRO A 189 -9.78 33.05 35.62
CA PRO A 189 -10.65 32.17 34.85
C PRO A 189 -11.91 32.88 34.38
N GLU A 190 -12.61 32.21 33.46
CA GLU A 190 -13.90 32.65 32.95
C GLU A 190 -14.85 31.45 32.98
N ALA A 191 -16.04 31.65 33.53
CA ALA A 191 -16.93 30.53 33.81
C ALA A 191 -18.35 30.82 33.33
N TRP A 192 -19.07 29.75 33.01
CA TRP A 192 -20.46 29.83 32.58
C TRP A 192 -21.13 28.49 32.83
N LEU A 193 -22.46 28.50 32.79
CA LEU A 193 -23.27 27.34 33.11
C LEU A 193 -24.09 26.90 31.90
N SER A 194 -24.45 25.63 31.86
CA SER A 194 -25.21 25.07 30.74
C SER A 194 -25.93 23.82 31.22
N HIS A 195 -26.69 23.21 30.31
CA HIS A 195 -27.43 21.99 30.58
C HIS A 195 -26.68 20.79 30.00
N GLY A 196 -26.77 19.65 30.69
CA GLY A 196 -26.04 18.47 30.29
C GLY A 196 -26.88 17.46 29.56
N PRO A 197 -26.32 16.27 29.32
CA PRO A 197 -27.04 15.22 28.58
C PRO A 197 -28.31 14.71 29.26
N SER A 198 -28.75 15.26 30.39
CA SER A 198 -30.09 14.98 30.92
C SER A 198 -30.32 13.50 31.22
N PRO A 199 -29.81 12.99 32.35
CA PRO A 199 -30.02 11.57 32.69
C PRO A 199 -31.49 11.25 32.97
N GLY A 200 -31.77 10.04 33.45
CA GLY A 200 -33.10 9.48 33.47
C GLY A 200 -34.16 10.34 34.14
N PRO A 201 -35.40 9.86 34.10
CA PRO A 201 -36.56 10.75 34.29
C PRO A 201 -36.52 11.49 35.63
N GLY A 202 -36.93 12.75 35.60
CA GLY A 202 -37.00 13.57 36.78
C GLY A 202 -35.68 14.13 37.26
N HIS A 203 -34.60 13.91 36.52
CA HIS A 203 -33.28 14.37 36.94
C HIS A 203 -32.67 15.27 35.87
N LEU A 204 -32.01 16.34 36.32
CA LEU A 204 -31.35 17.29 35.45
C LEU A 204 -29.84 17.23 35.69
N GLN A 205 -29.08 17.59 34.66
CA GLN A 205 -27.62 17.67 34.75
C GLN A 205 -27.21 19.12 34.61
N LEU A 206 -26.48 19.62 35.61
CA LEU A 206 -26.02 21.00 35.65
C LEU A 206 -24.52 21.01 35.39
N VAL A 207 -24.11 21.78 34.38
CA VAL A 207 -22.70 21.83 33.95
C VAL A 207 -22.17 23.22 34.25
N CYS A 208 -20.98 23.27 34.85
CA CYS A 208 -20.31 24.52 35.19
C CYS A 208 -18.93 24.53 34.53
N HIS A 209 -18.81 25.25 33.42
CA HIS A 209 -17.55 25.33 32.70
C HIS A 209 -16.63 26.36 33.34
N VAL A 210 -15.35 26.04 33.45
CA VAL A 210 -14.31 26.98 33.87
C VAL A 210 -13.25 26.98 32.78
N SER A 211 -12.92 28.18 32.26
CA SER A 211 -12.09 28.28 31.08
C SER A 211 -11.05 29.37 31.24
N GLY A 212 -9.91 29.17 30.58
CA GLY A 212 -8.94 30.23 30.41
C GLY A 212 -8.16 30.62 31.66
N PHE A 213 -7.89 29.67 32.54
CA PHE A 213 -7.16 29.95 33.77
C PHE A 213 -5.75 29.36 33.72
N TYR A 214 -4.80 30.11 34.28
CA TYR A 214 -3.44 29.66 34.50
C TYR A 214 -2.99 30.25 35.84
N PRO A 215 -2.28 29.48 36.67
CA PRO A 215 -1.80 28.11 36.49
C PRO A 215 -2.87 27.02 36.53
N LYS A 216 -2.40 25.77 36.59
CA LYS A 216 -3.32 24.63 36.49
C LYS A 216 -4.18 24.43 37.73
N PRO A 217 -3.64 24.45 38.96
CA PRO A 217 -4.48 24.09 40.12
C PRO A 217 -5.68 25.02 40.28
N VAL A 218 -6.87 24.42 40.24
CA VAL A 218 -8.14 25.14 40.31
C VAL A 218 -9.08 24.41 41.24
N TRP A 219 -10.05 25.15 41.77
CA TRP A 219 -11.07 24.62 42.67
C TRP A 219 -12.44 25.00 42.12
N VAL A 220 -13.30 23.99 41.96
CA VAL A 220 -14.65 24.21 41.44
C VAL A 220 -15.59 23.23 42.12
N MET A 221 -16.77 23.72 42.51
CA MET A 221 -17.71 22.91 43.25
C MET A 221 -19.10 23.51 43.12
N TRP A 222 -20.09 22.64 42.93
CA TRP A 222 -21.48 23.07 43.00
C TRP A 222 -21.89 23.22 44.46
N MET A 223 -22.53 24.34 44.77
CA MET A 223 -22.88 24.69 46.13
C MET A 223 -24.38 24.96 46.25
N ARG A 224 -24.90 24.75 47.45
CA ARG A 224 -26.24 25.20 47.83
C ARG A 224 -26.02 26.07 49.07
N GLY A 225 -25.83 27.36 48.84
CA GLY A 225 -25.38 28.23 49.93
C GLY A 225 -23.96 27.88 50.30
N GLU A 226 -23.72 27.66 51.59
CA GLU A 226 -22.40 27.25 52.05
C GLU A 226 -22.16 25.75 51.94
N GLN A 227 -23.21 24.96 51.75
CA GLN A 227 -23.07 23.51 51.74
C GLN A 227 -22.58 23.05 50.38
N GLU A 228 -21.39 22.45 50.35
CA GLU A 228 -20.86 21.91 49.11
C GLU A 228 -21.65 20.67 48.71
N GLN A 229 -22.14 20.66 47.46
CA GLN A 229 -22.86 19.52 46.93
C GLN A 229 -21.85 18.47 46.51
N GLN A 230 -21.75 17.39 47.29
CA GLN A 230 -20.74 16.36 47.07
C GLN A 230 -21.04 15.50 45.84
N GLY A 231 -22.22 15.64 45.25
CA GLY A 231 -22.50 14.97 44.00
C GLY A 231 -21.83 15.58 42.79
N THR A 232 -21.04 16.62 42.99
CA THR A 232 -20.36 17.29 41.89
C THR A 232 -19.33 16.36 41.26
N GLN A 233 -19.43 16.18 39.95
CA GLN A 233 -18.50 15.34 39.20
C GLN A 233 -17.58 16.27 38.40
N ARG A 234 -16.31 16.27 38.75
CA ARG A 234 -15.31 17.11 38.10
C ARG A 234 -14.61 16.32 37.00
N GLY A 235 -14.57 16.90 35.80
CA GLY A 235 -13.99 16.24 34.64
C GLY A 235 -12.50 16.47 34.52
N ASP A 236 -11.99 16.15 33.33
CA ASP A 236 -10.57 16.32 33.05
C ASP A 236 -10.22 17.78 32.82
N ILE A 237 -8.97 18.13 33.11
CA ILE A 237 -8.44 19.46 32.84
C ILE A 237 -7.83 19.42 31.44
N LEU A 238 -8.48 20.09 30.50
CA LEU A 238 -8.13 20.04 29.09
C LEU A 238 -7.36 21.29 28.68
N PRO A 239 -6.45 21.17 27.71
CA PRO A 239 -5.62 22.33 27.33
C PRO A 239 -6.28 23.22 26.30
N SER A 240 -5.57 24.26 25.88
CA SER A 240 -6.03 25.16 24.82
C SER A 240 -4.81 25.53 23.97
N ALA A 241 -5.06 26.30 22.91
CA ALA A 241 -3.96 26.75 22.06
C ALA A 241 -2.99 27.61 22.84
N ASP A 242 -3.51 28.51 23.67
CA ASP A 242 -2.69 29.21 24.64
C ASP A 242 -2.46 28.34 25.86
N GLY A 243 -1.65 28.83 26.79
CA GLY A 243 -1.28 28.04 27.96
C GLY A 243 -2.37 27.92 29.01
N THR A 244 -3.61 28.18 28.63
CA THR A 244 -4.73 28.16 29.57
C THR A 244 -5.41 26.79 29.57
N TRP A 245 -6.23 26.58 30.61
CA TRP A 245 -6.88 25.29 30.84
C TRP A 245 -8.39 25.47 30.88
N TYR A 246 -9.09 24.39 30.52
CA TYR A 246 -10.55 24.34 30.55
C TYR A 246 -10.99 23.18 31.43
N LEU A 247 -12.07 23.38 32.17
CA LEU A 247 -12.60 22.36 33.05
C LEU A 247 -14.08 22.61 33.29
N ARG A 248 -14.89 21.56 33.16
CA ARG A 248 -16.32 21.63 33.46
C ARG A 248 -16.66 20.62 34.54
N ALA A 249 -17.35 21.08 35.58
CA ALA A 249 -17.78 20.25 36.68
C ALA A 249 -19.30 20.10 36.63
N THR A 250 -19.78 18.86 36.58
CA THR A 250 -21.19 18.58 36.43
C THR A 250 -21.81 18.13 37.75
N LEU A 251 -23.14 18.19 37.80
CA LEU A 251 -23.90 17.82 38.99
C LEU A 251 -25.30 17.41 38.55
N GLU A 252 -25.77 16.26 39.06
CA GLU A 252 -27.07 15.73 38.69
C GLU A 252 -28.00 15.78 39.90
N VAL A 253 -29.14 16.46 39.74
CA VAL A 253 -30.12 16.63 40.81
C VAL A 253 -31.50 16.38 40.24
N ALA A 254 -32.46 16.16 41.14
CA ALA A 254 -33.85 16.03 40.75
C ALA A 254 -34.37 17.36 40.21
N ALA A 255 -35.39 17.27 39.35
CA ALA A 255 -35.90 18.46 38.68
C ALA A 255 -36.49 19.46 39.67
N GLY A 256 -37.19 18.97 40.70
CA GLY A 256 -37.85 19.85 41.63
C GLY A 256 -36.96 20.55 42.64
N GLU A 257 -35.67 20.19 42.70
CA GLU A 257 -34.76 20.77 43.68
C GLU A 257 -33.55 21.40 42.98
N ALA A 258 -33.79 22.15 41.92
CA ALA A 258 -32.71 22.74 41.13
C ALA A 258 -32.28 24.12 41.64
N ALA A 259 -33.23 24.92 42.11
CA ALA A 259 -32.93 26.29 42.50
C ALA A 259 -32.06 26.33 43.76
N ASP A 260 -31.53 27.52 44.04
CA ASP A 260 -30.60 27.83 45.12
C ASP A 260 -29.22 27.24 44.91
N LEU A 261 -29.00 26.50 43.82
CA LEU A 261 -27.70 25.93 43.53
C LEU A 261 -26.81 26.96 42.85
N SER A 262 -25.52 26.95 43.22
CA SER A 262 -24.55 27.88 42.64
C SER A 262 -23.21 27.17 42.45
N CYS A 263 -22.49 27.58 41.42
CA CYS A 263 -21.15 27.07 41.14
C CYS A 263 -20.12 28.08 41.64
N ARG A 264 -19.15 27.59 42.41
CA ARG A 264 -18.13 28.43 43.03
C ARG A 264 -16.76 28.02 42.54
N VAL A 265 -15.96 28.99 42.12
CA VAL A 265 -14.65 28.76 41.54
C VAL A 265 -13.59 29.48 42.37
N LYS A 266 -12.57 28.76 42.81
CA LYS A 266 -11.44 29.32 43.52
C LYS A 266 -10.18 29.14 42.69
N HIS A 267 -9.40 30.21 42.56
CA HIS A 267 -8.15 30.17 41.82
C HIS A 267 -7.20 31.19 42.42
N SER A 268 -5.89 30.92 42.28
CA SER A 268 -4.88 31.82 42.82
C SER A 268 -4.91 33.18 42.16
N SER A 269 -5.30 33.25 40.89
CA SER A 269 -5.34 34.53 40.19
C SER A 269 -6.45 35.43 40.71
N LEU A 270 -7.52 34.85 41.25
CA LEU A 270 -8.65 35.64 41.73
C LEU A 270 -8.35 36.37 43.04
N GLU A 271 -7.26 36.04 43.71
CA GLU A 271 -6.85 36.70 44.95
C GLU A 271 -7.94 36.60 46.03
N GLY A 272 -8.62 35.47 46.08
CA GLY A 272 -9.62 35.20 47.10
C GLY A 272 -11.03 35.62 46.74
N GLN A 273 -11.24 36.32 45.63
CA GLN A 273 -12.58 36.72 45.21
C GLN A 273 -13.12 35.65 44.28
N ASP A 274 -13.86 34.71 44.85
CA ASP A 274 -14.32 33.54 44.11
C ASP A 274 -15.43 33.90 43.13
N ILE A 275 -15.44 33.21 41.99
CA ILE A 275 -16.50 33.35 41.00
C ILE A 275 -17.69 32.51 41.44
N VAL A 276 -18.86 33.14 41.56
CA VAL A 276 -20.08 32.45 41.93
C VAL A 276 -21.13 32.73 40.87
N LEU A 277 -21.65 31.66 40.26
CA LEU A 277 -22.69 31.75 39.25
C LEU A 277 -23.91 31.00 39.74
N TYR A 278 -25.10 31.56 39.48
CA TYR A 278 -26.33 31.05 40.05
C TYR A 278 -27.23 30.47 38.97
N TRP A 279 -27.82 29.31 39.26
CA TRP A 279 -28.72 28.63 38.32
C TRP A 279 -30.05 29.37 38.31
N GLU A 280 -30.06 30.51 37.63
CA GLU A 280 -31.24 31.37 37.55
C GLU A 280 -31.32 32.01 36.18
N GLY A 281 -32.53 32.21 35.69
CA GLY A 281 -32.77 32.86 34.42
C GLY A 281 -33.54 32.01 33.43
N SER A 282 -33.05 31.95 32.19
CA SER A 282 -33.60 31.01 31.22
C SER A 282 -33.19 29.58 31.50
N LEU A 283 -32.23 29.38 32.41
CA LEU A 283 -31.80 28.03 32.77
C LEU A 283 -32.91 27.28 33.51
N VAL A 284 -33.51 27.93 34.52
CA VAL A 284 -34.47 27.23 35.38
C VAL A 284 -35.64 26.66 34.60
N PRO A 285 -36.35 27.42 33.74
CA PRO A 285 -36.37 28.87 33.50
C PRO A 285 -37.40 29.58 34.38
N GLY B 3 -3.32 -5.57 18.80
CA GLY B 3 -4.00 -6.02 20.00
C GLY B 3 -3.76 -5.13 21.19
N ILE B 4 -2.53 -4.64 21.33
CA ILE B 4 -2.15 -3.77 22.45
C ILE B 4 -2.39 -2.32 22.03
N GLN B 5 -3.03 -2.13 20.88
CA GLN B 5 -3.39 -0.80 20.42
C GLN B 5 -4.47 -0.19 21.30
N ARG B 6 -4.34 1.10 21.58
CA ARG B 6 -5.28 1.82 22.42
C ARG B 6 -6.22 2.69 21.57
N THR B 7 -7.36 3.04 22.17
CA THR B 7 -8.41 3.80 21.52
C THR B 7 -8.47 5.23 22.07
N PRO B 8 -8.73 6.22 21.23
CA PRO B 8 -8.62 7.62 21.68
C PRO B 8 -9.80 8.07 22.53
N LYS B 9 -9.51 9.04 23.40
CA LYS B 9 -10.52 9.72 24.19
C LYS B 9 -10.74 11.10 23.58
N ILE B 10 -11.98 11.38 23.17
CA ILE B 10 -12.31 12.57 22.40
C ILE B 10 -13.16 13.50 23.26
N GLN B 11 -12.70 14.74 23.40
CA GLN B 11 -13.39 15.75 24.19
C GLN B 11 -13.46 17.05 23.39
N VAL B 12 -14.67 17.60 23.29
CA VAL B 12 -14.93 18.80 22.50
C VAL B 12 -15.41 19.89 23.44
N TYR B 13 -14.84 21.09 23.31
CA TYR B 13 -15.19 22.19 24.18
C TYR B 13 -14.86 23.51 23.49
N SER B 14 -15.54 24.56 23.95
CA SER B 14 -15.35 25.91 23.43
C SER B 14 -14.58 26.75 24.44
N ARG B 15 -13.80 27.71 23.92
CA ARG B 15 -13.00 28.55 24.79
C ARG B 15 -13.85 29.53 25.60
N HIS B 16 -14.96 29.99 25.03
CA HIS B 16 -15.82 30.98 25.63
C HIS B 16 -17.27 30.54 25.52
N PRO B 17 -18.17 31.11 26.33
CA PRO B 17 -19.59 30.75 26.20
C PRO B 17 -20.11 31.03 24.80
N ALA B 18 -21.01 30.17 24.34
CA ALA B 18 -21.62 30.35 23.03
C ALA B 18 -22.38 31.66 22.98
N GLU B 19 -22.14 32.45 21.93
CA GLU B 19 -22.78 33.74 21.76
C GLU B 19 -22.78 34.05 20.26
N ASN B 20 -23.96 33.98 19.65
CA ASN B 20 -24.06 34.13 18.20
C ASN B 20 -23.55 35.49 17.76
N GLY B 21 -22.72 35.50 16.72
CA GLY B 21 -22.13 36.71 16.22
C GLY B 21 -20.80 37.09 16.86
N LYS B 22 -20.39 36.40 17.91
CA LYS B 22 -19.13 36.66 18.59
C LYS B 22 -18.16 35.51 18.30
N SER B 23 -16.94 35.86 17.90
CA SER B 23 -15.95 34.84 17.56
C SER B 23 -15.58 34.03 18.79
N ASN B 24 -15.29 32.75 18.56
CA ASN B 24 -14.96 31.82 19.64
C ASN B 24 -13.93 30.83 19.12
N PHE B 25 -13.49 29.92 19.99
CA PHE B 25 -12.55 28.88 19.62
C PHE B 25 -13.15 27.53 19.99
N LEU B 26 -13.10 26.59 19.03
CA LEU B 26 -13.58 25.24 19.23
C LEU B 26 -12.39 24.31 19.36
N ASN B 27 -12.31 23.58 20.48
CA ASN B 27 -11.22 22.65 20.73
C ASN B 27 -11.75 21.22 20.68
N CYS B 28 -10.94 20.32 20.14
CA CYS B 28 -11.20 18.89 20.17
C CYS B 28 -9.94 18.19 20.67
N TYR B 29 -10.02 17.59 21.85
CA TYR B 29 -8.87 16.97 22.49
C TYR B 29 -8.93 15.46 22.29
N VAL B 30 -8.04 14.95 21.46
CA VAL B 30 -7.93 13.52 21.19
C VAL B 30 -6.72 12.99 21.94
N SER B 31 -6.96 12.09 22.89
CA SER B 31 -5.91 11.66 23.81
C SER B 31 -6.01 10.17 24.09
N GLY B 32 -4.93 9.62 24.61
CA GLY B 32 -4.88 8.24 25.06
C GLY B 32 -5.03 7.19 23.97
N PHE B 33 -4.38 7.39 22.83
CA PHE B 33 -4.49 6.47 21.71
C PHE B 33 -3.11 5.97 21.30
N HIS B 34 -3.12 4.85 20.58
CA HIS B 34 -1.91 4.20 20.08
C HIS B 34 -2.31 3.24 18.96
N PRO B 35 -1.67 3.29 17.78
CA PRO B 35 -0.54 4.14 17.37
C PRO B 35 -0.92 5.58 16.98
N SER B 36 -0.02 6.24 16.26
CA SER B 36 -0.15 7.67 16.02
C SER B 36 -1.14 8.01 14.90
N ASP B 37 -1.25 7.16 13.87
CA ASP B 37 -2.06 7.50 12.70
C ASP B 37 -3.52 7.70 13.11
N ILE B 38 -4.01 8.94 13.11
CA ILE B 38 -5.25 9.23 13.84
C ILE B 38 -6.27 9.99 12.99
N GLU B 39 -5.87 11.04 12.27
CA GLU B 39 -6.71 11.71 11.26
C GLU B 39 -8.05 12.18 11.86
N VAL B 40 -7.97 13.22 12.69
CA VAL B 40 -9.14 13.86 13.28
C VAL B 40 -9.59 15.02 12.39
N ASP B 41 -10.90 15.20 12.28
CA ASP B 41 -11.53 16.25 11.50
C ASP B 41 -12.52 17.02 12.37
N LEU B 42 -12.53 18.35 12.21
CA LEU B 42 -13.52 19.21 12.84
C LEU B 42 -14.61 19.53 11.81
N LEU B 43 -15.87 19.45 12.24
CA LEU B 43 -17.00 19.54 11.33
C LEU B 43 -17.92 20.70 11.72
N LYS B 44 -18.38 21.43 10.70
CA LYS B 44 -19.42 22.45 10.85
C LYS B 44 -20.61 22.05 10.01
N ASN B 45 -21.73 21.76 10.69
CA ASN B 45 -22.97 21.32 10.03
C ASN B 45 -22.72 20.13 9.12
N GLY B 46 -21.93 19.17 9.62
CA GLY B 46 -21.62 17.95 8.90
C GLY B 46 -20.39 18.01 8.01
N GLU B 47 -20.23 19.09 7.27
CA GLU B 47 -19.11 19.22 6.35
C GLU B 47 -17.82 19.46 7.12
N ARG B 48 -16.70 19.10 6.47
CA ARG B 48 -15.40 19.28 7.09
C ARG B 48 -15.02 20.76 7.14
N ILE B 49 -14.15 21.09 8.09
CA ILE B 49 -13.64 22.44 8.26
C ILE B 49 -12.19 22.46 7.81
N GLU B 50 -11.87 23.34 6.86
CA GLU B 50 -10.50 23.51 6.42
C GLU B 50 -9.80 24.55 7.29
N LYS B 51 -8.47 24.59 7.17
CA LYS B 51 -7.62 25.50 7.94
C LYS B 51 -7.83 25.28 9.44
N VAL B 52 -7.59 24.05 9.88
CA VAL B 52 -7.69 23.67 11.29
C VAL B 52 -6.27 23.48 11.81
N GLU B 53 -5.92 24.27 12.82
CA GLU B 53 -4.63 24.12 13.47
C GLU B 53 -4.68 22.97 14.46
N HIS B 54 -3.50 22.43 14.79
CA HIS B 54 -3.39 21.41 15.81
C HIS B 54 -2.01 21.46 16.43
N SER B 55 -1.92 20.96 17.66
CA SER B 55 -0.67 20.97 18.40
C SER B 55 0.26 19.86 17.92
N ASP B 56 1.54 19.99 18.27
CA ASP B 56 2.52 18.97 17.96
C ASP B 56 2.21 17.67 18.70
N LEU B 57 2.52 16.55 18.07
CA LEU B 57 2.26 15.25 18.67
C LEU B 57 3.09 15.06 19.92
N SER B 58 2.48 14.43 20.93
CA SER B 58 3.16 14.10 22.17
C SER B 58 2.44 12.95 22.83
N PHE B 59 3.12 12.31 23.78
CA PHE B 59 2.54 11.21 24.54
C PHE B 59 2.66 11.50 26.03
N SER B 60 1.67 11.03 26.78
CA SER B 60 1.67 11.16 28.22
C SER B 60 2.56 10.08 28.83
N LYS B 61 2.52 9.93 30.15
CA LYS B 61 3.44 9.02 30.83
C LYS B 61 3.17 7.56 30.45
N ASP B 62 1.92 7.19 30.18
CA ASP B 62 1.59 5.82 29.81
C ASP B 62 1.78 5.54 28.33
N TRP B 63 2.60 6.35 27.65
CA TRP B 63 3.02 6.15 26.26
C TRP B 63 1.90 6.31 25.26
N SER B 64 0.73 6.77 25.68
CA SER B 64 -0.37 7.03 24.75
C SER B 64 -0.34 8.48 24.30
N PHE B 65 -0.64 8.70 23.03
CA PHE B 65 -0.52 10.02 22.42
C PHE B 65 -1.75 10.87 22.69
N TYR B 66 -1.55 12.19 22.63
CA TYR B 66 -2.63 13.15 22.76
C TYR B 66 -2.40 14.30 21.79
N LEU B 67 -3.47 14.72 21.13
CA LEU B 67 -3.43 15.83 20.18
C LEU B 67 -4.56 16.79 20.48
N LEU B 68 -4.29 18.08 20.30
CA LEU B 68 -5.30 19.13 20.44
C LEU B 68 -5.55 19.76 19.08
N TYR B 69 -6.80 19.74 18.64
CA TYR B 69 -7.21 20.37 17.39
C TYR B 69 -8.15 21.52 17.69
N TYR B 70 -7.81 22.70 17.18
CA TYR B 70 -8.58 23.90 17.48
C TYR B 70 -8.74 24.74 16.22
N THR B 71 -9.85 25.49 16.18
CA THR B 71 -10.11 26.41 15.08
C THR B 71 -10.92 27.59 15.61
N GLU B 72 -10.84 28.70 14.89
CA GLU B 72 -11.62 29.89 15.24
C GLU B 72 -12.92 29.88 14.44
N PHE B 73 -14.02 30.19 15.13
CA PHE B 73 -15.33 30.13 14.51
C PHE B 73 -16.27 31.12 15.18
N THR B 74 -17.33 31.49 14.45
CA THR B 74 -18.38 32.34 14.97
C THR B 74 -19.71 31.60 14.88
N PRO B 75 -20.34 31.26 16.01
CA PRO B 75 -21.55 30.44 15.97
C PRO B 75 -22.75 31.21 15.44
N THR B 76 -23.72 30.44 14.94
CA THR B 76 -25.04 30.93 14.59
C THR B 76 -26.07 29.96 15.16
N GLU B 77 -27.34 30.35 15.10
CA GLU B 77 -28.39 29.55 15.72
C GLU B 77 -28.51 28.17 15.06
N LYS B 78 -28.41 28.12 13.73
CA LYS B 78 -28.60 26.88 12.99
C LYS B 78 -27.31 26.08 12.85
N ASP B 79 -26.18 26.58 13.32
CA ASP B 79 -24.91 25.92 13.12
C ASP B 79 -24.69 24.80 14.14
N GLU B 80 -24.18 23.67 13.66
CA GLU B 80 -23.84 22.53 14.49
C GLU B 80 -22.35 22.22 14.29
N TYR B 81 -21.69 21.80 15.37
CA TYR B 81 -20.27 21.53 15.33
C TYR B 81 -19.98 20.17 15.97
N ALA B 82 -18.97 19.49 15.43
CA ALA B 82 -18.64 18.14 15.88
C ALA B 82 -17.20 17.85 15.53
N CYS B 83 -16.66 16.80 16.15
CA CYS B 83 -15.30 16.34 15.91
C CYS B 83 -15.34 14.90 15.43
N ARG B 84 -14.67 14.62 14.32
CA ARG B 84 -14.69 13.29 13.70
C ARG B 84 -13.29 12.68 13.82
N VAL B 85 -13.20 11.50 14.43
CA VAL B 85 -11.94 10.82 14.67
C VAL B 85 -11.99 9.45 14.01
N ASN B 86 -10.90 9.06 13.36
CA ASN B 86 -10.85 7.81 12.59
C ASN B 86 -9.57 7.06 12.93
N HIS B 87 -9.63 6.14 13.88
CA HIS B 87 -8.46 5.38 14.30
C HIS B 87 -8.59 3.93 13.84
N VAL B 88 -7.47 3.21 13.92
CA VAL B 88 -7.47 1.79 13.57
C VAL B 88 -8.37 1.00 14.51
N THR B 89 -8.54 1.48 15.74
CA THR B 89 -9.39 0.82 16.73
C THR B 89 -10.86 1.21 16.58
N LEU B 90 -11.24 1.83 15.48
CA LEU B 90 -12.62 2.27 15.25
C LEU B 90 -13.17 1.57 14.03
N SER B 91 -14.26 0.82 14.20
CA SER B 91 -14.95 0.22 13.06
C SER B 91 -15.56 1.26 12.15
N GLN B 92 -15.85 2.45 12.66
CA GLN B 92 -16.36 3.56 11.89
C GLN B 92 -15.97 4.85 12.61
N PRO B 93 -15.90 5.97 11.89
CA PRO B 93 -15.49 7.22 12.55
C PRO B 93 -16.40 7.58 13.72
N LYS B 94 -15.78 8.03 14.80
CA LYS B 94 -16.49 8.43 16.01
C LYS B 94 -16.65 9.94 16.04
N ILE B 95 -17.89 10.40 16.18
CA ILE B 95 -18.23 11.81 16.10
C ILE B 95 -18.70 12.26 17.48
N VAL B 96 -18.05 13.29 18.02
CA VAL B 96 -18.42 13.90 19.29
C VAL B 96 -18.92 15.31 19.01
N LYS B 97 -20.12 15.62 19.46
CA LYS B 97 -20.76 16.89 19.14
C LYS B 97 -20.48 17.94 20.21
N TRP B 98 -20.32 19.18 19.76
CA TRP B 98 -20.23 20.31 20.67
C TRP B 98 -21.56 20.48 21.41
N ASP B 99 -21.47 20.69 22.72
CA ASP B 99 -22.65 20.77 23.58
C ASP B 99 -22.99 22.23 23.84
N ARG B 100 -24.07 22.71 23.23
CA ARG B 100 -24.69 23.99 23.54
C ARG B 100 -25.97 23.76 24.33
N ASP B 101 -26.68 24.85 24.60
CA ASP B 101 -27.95 24.77 25.30
C ASP B 101 -29.12 24.65 24.32
N LYS C 11 14.38 -9.19 -23.02
CA LYS C 11 13.05 -9.37 -22.46
C LYS C 11 12.92 -10.72 -21.77
N SER C 12 13.56 -11.74 -22.36
CA SER C 12 13.53 -13.09 -21.83
C SER C 12 14.95 -13.53 -21.51
N VAL C 13 15.13 -14.13 -20.33
CA VAL C 13 16.44 -14.55 -19.84
C VAL C 13 16.36 -16.01 -19.42
N ILE C 14 17.46 -16.74 -19.64
CA ILE C 14 17.56 -18.15 -19.24
C ILE C 14 18.82 -18.31 -18.41
N ARG C 15 18.69 -18.96 -17.26
CA ARG C 15 19.83 -19.20 -16.37
C ARG C 15 19.74 -20.62 -15.81
N GLN C 16 20.88 -21.11 -15.34
CA GLN C 16 20.96 -22.41 -14.70
C GLN C 16 21.02 -22.21 -13.18
N THR C 17 20.56 -23.22 -12.44
CA THR C 17 20.51 -23.14 -10.99
C THR C 17 21.90 -22.89 -10.42
N GLY C 18 22.04 -21.76 -9.72
CA GLY C 18 23.29 -21.36 -9.11
C GLY C 18 23.97 -20.18 -9.79
N SER C 19 23.55 -19.82 -10.99
CA SER C 19 24.15 -18.69 -11.71
C SER C 19 23.51 -17.38 -11.22
N SER C 20 23.75 -16.29 -11.94
CA SER C 20 23.21 -14.99 -11.60
C SER C 20 22.50 -14.40 -12.81
N ALA C 21 21.58 -13.47 -12.54
CA ALA C 21 20.81 -12.82 -13.58
C ALA C 21 20.58 -11.36 -13.20
N GLU C 22 20.96 -10.44 -14.09
CA GLU C 22 20.78 -9.00 -13.88
C GLU C 22 19.77 -8.51 -14.91
N ILE C 23 18.55 -8.25 -14.44
CA ILE C 23 17.50 -7.73 -15.31
C ILE C 23 17.55 -6.20 -15.29
N THR C 24 17.01 -5.59 -16.33
CA THR C 24 17.00 -4.14 -16.46
C THR C 24 15.57 -3.62 -16.38
N CYS C 25 15.43 -2.38 -15.92
CA CYS C 25 14.13 -1.74 -15.71
C CYS C 25 13.98 -0.62 -16.73
N ASP C 26 13.22 -0.90 -17.79
CA ASP C 26 12.88 0.13 -18.78
C ASP C 26 11.54 0.76 -18.38
N LEU C 27 11.62 1.65 -17.41
CA LEU C 27 10.46 2.38 -16.91
C LEU C 27 10.51 3.81 -17.40
N ALA C 28 9.33 4.38 -17.64
CA ALA C 28 9.22 5.68 -18.32
C ALA C 28 9.90 6.80 -17.55
N GLU C 29 11.04 7.28 -18.07
CA GLU C 29 11.75 8.44 -17.56
C GLU C 29 11.99 8.39 -16.06
N GLY C 30 12.17 9.55 -15.44
CA GLY C 30 12.32 9.64 -14.01
C GLY C 30 10.99 9.94 -13.33
N SER C 31 10.88 9.48 -12.09
CA SER C 31 9.62 9.56 -11.35
C SER C 31 9.97 9.73 -9.88
N THR C 32 8.99 9.44 -9.02
CA THR C 32 9.25 9.49 -7.58
C THR C 32 10.41 8.56 -7.23
N GLY C 33 11.00 8.83 -6.06
CA GLY C 33 12.28 8.24 -5.74
C GLY C 33 12.26 6.73 -5.64
N TYR C 34 11.18 6.16 -5.10
CA TYR C 34 11.12 4.74 -4.80
C TYR C 34 10.65 3.96 -6.02
N ILE C 35 11.43 2.97 -6.43
CA ILE C 35 11.06 2.02 -7.47
C ILE C 35 10.99 0.64 -6.84
N HIS C 36 9.81 0.01 -6.92
CA HIS C 36 9.58 -1.30 -6.33
C HIS C 36 9.72 -2.40 -7.38
N TRP C 37 10.18 -3.56 -6.93
CA TRP C 37 10.33 -4.73 -7.79
C TRP C 37 9.31 -5.78 -7.38
N TYR C 38 8.50 -6.22 -8.34
CA TYR C 38 7.45 -7.21 -8.12
C TYR C 38 7.78 -8.50 -8.86
N LEU C 39 7.34 -9.61 -8.29
CA LEU C 39 7.50 -10.93 -8.90
C LEU C 39 6.13 -11.52 -9.20
N HIS C 40 5.92 -11.91 -10.46
CA HIS C 40 4.67 -12.51 -10.90
C HIS C 40 4.96 -13.91 -11.41
N GLN C 41 4.19 -14.88 -10.94
CA GLN C 41 4.30 -16.27 -11.35
C GLN C 41 2.94 -16.78 -11.80
N GLU C 42 2.95 -17.76 -12.69
CA GLU C 42 1.70 -18.30 -13.23
C GLU C 42 0.85 -18.89 -12.11
N GLY C 43 -0.43 -18.51 -12.07
CA GLY C 43 -1.33 -19.00 -11.05
C GLY C 43 -1.14 -18.41 -9.69
N LYS C 44 -0.31 -17.37 -9.56
CA LYS C 44 -0.04 -16.76 -8.26
C LYS C 44 -0.19 -15.24 -8.38
N ALA C 45 -0.46 -14.61 -7.23
CA ALA C 45 -0.62 -13.16 -7.16
C ALA C 45 0.75 -12.49 -7.14
N PRO C 46 0.93 -11.43 -7.92
CA PRO C 46 2.18 -10.67 -7.88
C PRO C 46 2.43 -10.09 -6.50
N GLN C 47 3.71 -10.10 -6.09
CA GLN C 47 4.10 -9.60 -4.78
C GLN C 47 5.43 -8.88 -4.90
N ARG C 48 5.54 -7.73 -4.24
CA ARG C 48 6.77 -6.97 -4.24
C ARG C 48 7.85 -7.71 -3.46
N LEU C 49 9.07 -7.69 -3.99
CA LEU C 49 10.22 -8.27 -3.31
C LEU C 49 11.04 -7.24 -2.55
N LEU C 50 11.15 -6.03 -3.07
CA LEU C 50 11.99 -4.98 -2.51
C LEU C 50 11.71 -3.69 -3.27
N TYR C 51 12.28 -2.60 -2.78
CA TYR C 51 12.30 -1.36 -3.54
C TYR C 51 13.64 -0.67 -3.33
N TYR C 52 13.99 0.18 -4.29
CA TYR C 52 15.27 0.89 -4.32
C TYR C 52 15.04 2.35 -3.96
N ASP C 53 15.74 2.82 -2.93
CA ASP C 53 15.65 4.21 -2.49
C ASP C 53 16.73 4.99 -3.24
N SER C 54 16.31 5.77 -4.24
CA SER C 54 17.26 6.55 -5.01
C SER C 54 17.86 7.69 -4.20
N TYR C 55 17.08 8.25 -3.27
CA TYR C 55 17.59 9.36 -2.45
C TYR C 55 18.73 8.93 -1.55
N THR C 56 18.82 7.63 -1.23
CA THR C 56 19.92 7.10 -0.44
C THR C 56 20.77 6.08 -1.18
N SER C 57 20.37 5.66 -2.38
CA SER C 57 21.09 4.65 -3.16
C SER C 57 21.27 3.37 -2.36
N SER C 58 20.24 2.99 -1.60
CA SER C 58 20.27 1.82 -0.76
C SER C 58 19.05 0.95 -1.03
N VAL C 59 19.17 -0.32 -0.66
CA VAL C 59 18.16 -1.34 -0.93
C VAL C 59 17.52 -1.74 0.38
N VAL C 60 16.18 -1.78 0.39
CA VAL C 60 15.41 -2.30 1.52
C VAL C 60 14.58 -3.47 1.01
N LEU C 61 14.52 -4.54 1.81
CA LEU C 61 13.85 -5.76 1.42
C LEU C 61 12.45 -5.81 2.00
N GLU C 62 11.76 -6.92 1.76
CA GLU C 62 10.45 -7.19 2.33
C GLU C 62 10.59 -8.23 3.44
N SER C 63 9.44 -8.68 3.96
CA SER C 63 9.38 -9.39 5.24
C SER C 63 10.39 -10.53 5.33
N GLY C 64 10.27 -11.52 4.46
CA GLY C 64 10.99 -12.77 4.65
C GLY C 64 12.00 -13.15 3.59
N ILE C 65 12.79 -12.19 3.12
CA ILE C 65 13.76 -12.42 2.05
C ILE C 65 15.16 -12.39 2.63
N SER C 66 15.97 -13.37 2.25
CA SER C 66 17.35 -13.41 2.70
C SER C 66 18.11 -12.21 2.15
N PRO C 67 18.99 -11.59 2.95
CA PRO C 67 19.60 -10.32 2.55
C PRO C 67 20.60 -10.42 1.40
N GLY C 68 20.90 -11.61 0.89
CA GLY C 68 21.88 -11.72 -0.17
C GLY C 68 21.31 -12.02 -1.54
N LYS C 69 20.02 -12.33 -1.61
CA LYS C 69 19.44 -12.81 -2.86
C LYS C 69 19.34 -11.70 -3.90
N TYR C 70 18.81 -10.54 -3.51
CA TYR C 70 18.49 -9.48 -4.46
C TYR C 70 19.30 -8.23 -4.17
N ASP C 71 19.50 -7.42 -5.22
CA ASP C 71 20.19 -6.15 -5.08
C ASP C 71 19.76 -5.25 -6.24
N THR C 72 19.86 -3.93 -6.00
CA THR C 72 19.42 -2.94 -6.98
C THR C 72 20.41 -1.79 -7.00
N TYR C 73 20.63 -1.22 -8.20
CA TYR C 73 21.60 -0.16 -8.38
C TYR C 73 21.38 0.45 -9.76
N GLY C 74 22.07 1.56 -10.01
CA GLY C 74 22.09 2.21 -11.31
C GLY C 74 21.23 3.47 -11.33
N SER C 75 21.30 4.16 -12.46
CA SER C 75 20.50 5.36 -12.68
C SER C 75 19.04 4.97 -12.88
N THR C 76 18.15 5.50 -12.05
CA THR C 76 16.74 5.12 -12.10
C THR C 76 16.07 5.55 -13.40
N ARG C 77 16.69 6.46 -14.16
CA ARG C 77 16.12 6.94 -15.42
C ARG C 77 16.35 5.89 -16.50
N LYS C 78 15.40 4.96 -16.60
CA LYS C 78 15.29 3.95 -17.66
C LYS C 78 16.41 2.91 -17.64
N ASN C 79 17.34 2.97 -16.70
CA ASN C 79 18.45 2.01 -16.67
C ASN C 79 18.71 1.54 -15.24
N LEU C 80 17.65 1.23 -14.51
CA LEU C 80 17.80 0.65 -13.18
C LEU C 80 17.97 -0.87 -13.30
N ARG C 81 18.96 -1.41 -12.61
CA ARG C 81 19.30 -2.82 -12.68
C ARG C 81 18.84 -3.55 -11.42
N MET C 82 18.61 -4.85 -11.56
CA MET C 82 18.28 -5.71 -10.43
C MET C 82 18.95 -7.06 -10.65
N ILE C 83 19.88 -7.40 -9.77
CA ILE C 83 20.69 -8.61 -9.90
C ILE C 83 20.18 -9.66 -8.94
N LEU C 84 19.95 -10.87 -9.45
CA LEU C 84 19.62 -12.03 -8.65
C LEU C 84 20.81 -12.98 -8.65
N ARG C 85 21.19 -13.46 -7.47
CA ARG C 85 22.34 -14.34 -7.34
C ARG C 85 21.93 -15.59 -6.56
N ASN C 86 22.62 -16.70 -6.85
CA ASN C 86 22.31 -18.00 -6.28
C ASN C 86 20.87 -18.42 -6.62
N LEU C 87 20.61 -18.48 -7.92
CA LEU C 87 19.26 -18.76 -8.40
C LEU C 87 18.85 -20.20 -8.10
N ILE C 88 17.56 -20.38 -7.80
CA ILE C 88 16.97 -21.70 -7.64
C ILE C 88 15.88 -21.86 -8.68
N GLU C 89 15.25 -23.03 -8.72
CA GLU C 89 14.20 -23.29 -9.71
C GLU C 89 13.01 -22.36 -9.50
N ASN C 90 12.62 -22.12 -8.25
CA ASN C 90 11.42 -21.35 -7.94
C ASN C 90 11.59 -19.84 -8.17
N ASP C 91 12.69 -19.37 -8.75
CA ASP C 91 12.85 -17.97 -9.10
C ASP C 91 12.25 -17.63 -10.46
N SER C 92 11.78 -18.63 -11.20
CA SER C 92 11.23 -18.39 -12.53
C SER C 92 9.94 -17.57 -12.44
N GLY C 93 9.79 -16.63 -13.36
CA GLY C 93 8.60 -15.81 -13.42
C GLY C 93 8.92 -14.48 -14.07
N VAL C 94 7.86 -13.68 -14.22
CA VAL C 94 7.98 -12.34 -14.81
C VAL C 94 8.26 -11.33 -13.71
N TYR C 95 9.31 -10.54 -13.89
CA TYR C 95 9.72 -9.54 -12.91
C TYR C 95 9.42 -8.16 -13.45
N TYR C 96 8.64 -7.38 -12.69
CA TYR C 96 8.32 -6.01 -13.03
C TYR C 96 9.05 -5.06 -12.11
N CYS C 97 9.22 -3.82 -12.58
CA CYS C 97 9.66 -2.71 -11.75
C CYS C 97 8.57 -1.65 -11.78
N ALA C 98 8.22 -1.14 -10.60
CA ALA C 98 7.10 -0.22 -10.47
C ALA C 98 7.49 0.97 -9.61
N THR C 99 6.93 2.13 -9.94
CA THR C 99 7.08 3.34 -9.15
C THR C 99 5.76 4.08 -9.11
N TRP C 100 5.55 4.85 -8.04
CA TRP C 100 4.33 5.60 -7.90
C TRP C 100 4.36 6.87 -8.75
N ASP C 101 3.17 7.42 -9.00
CA ASP C 101 3.06 8.69 -9.68
C ASP C 101 3.58 9.82 -8.78
N GLY C 102 3.66 11.02 -9.35
CA GLY C 102 3.89 12.20 -8.54
C GLY C 102 2.71 12.48 -7.63
N ASP C 103 1.49 12.25 -8.12
CA ASP C 103 0.28 12.46 -7.35
C ASP C 103 -0.06 11.26 -6.46
N TYR C 104 0.68 10.16 -6.57
CA TYR C 104 0.34 8.90 -5.89
C TYR C 104 -1.06 8.42 -6.26
N TYR C 105 -1.49 8.76 -7.48
CA TYR C 105 -2.78 8.28 -7.99
C TYR C 105 -2.70 6.81 -8.38
N LYS C 106 -1.77 6.48 -9.26
CA LYS C 106 -1.49 5.13 -9.69
C LYS C 106 0.02 4.93 -9.68
N LYS C 107 0.45 3.67 -9.60
CA LYS C 107 1.87 3.36 -9.70
C LYS C 107 2.15 2.74 -11.07
N LEU C 108 3.08 3.35 -11.80
CA LEU C 108 3.42 2.88 -13.13
C LEU C 108 4.17 1.56 -13.05
N PHE C 109 3.93 0.70 -14.05
CA PHE C 109 4.63 -0.57 -14.19
C PHE C 109 5.39 -0.59 -15.51
N GLY C 110 6.64 -1.03 -15.46
CA GLY C 110 7.44 -1.17 -16.66
C GLY C 110 7.18 -2.47 -17.38
N SER C 111 7.96 -2.69 -18.44
CA SER C 111 7.85 -3.92 -19.21
C SER C 111 8.34 -5.10 -18.39
N GLY C 112 7.64 -6.22 -18.51
CA GLY C 112 8.02 -7.41 -17.79
C GLY C 112 9.24 -8.09 -18.37
N THR C 113 9.91 -8.88 -17.53
CA THR C 113 11.08 -9.65 -17.93
C THR C 113 10.91 -11.08 -17.43
N THR C 114 10.79 -12.02 -18.36
CA THR C 114 10.58 -13.42 -18.00
C THR C 114 11.91 -14.08 -17.69
N LEU C 115 11.99 -14.71 -16.51
CA LEU C 115 13.16 -15.44 -16.09
C LEU C 115 12.82 -16.93 -16.07
N VAL C 116 13.65 -17.74 -16.71
CA VAL C 116 13.49 -19.18 -16.73
C VAL C 116 14.74 -19.80 -16.11
N VAL C 117 14.55 -20.62 -15.09
CA VAL C 117 15.64 -21.31 -14.41
C VAL C 117 15.42 -22.81 -14.57
N THR C 118 16.44 -23.50 -15.06
CA THR C 118 16.39 -24.94 -15.26
C THR C 118 17.63 -25.59 -14.64
N GLU C 119 17.45 -26.82 -14.17
CA GLU C 119 18.56 -27.53 -13.54
C GLU C 119 19.68 -27.83 -14.51
N ASP C 120 19.36 -28.02 -15.79
CA ASP C 120 20.35 -28.32 -16.81
C ASP C 120 20.08 -27.49 -18.05
N LEU C 121 21.11 -26.79 -18.53
CA LEU C 121 20.97 -26.02 -19.77
C LEU C 121 20.71 -26.92 -20.96
N LYS C 122 21.01 -28.22 -20.85
CA LYS C 122 20.76 -29.14 -21.94
C LYS C 122 19.27 -29.28 -22.27
N ASN C 123 18.40 -28.83 -21.37
CA ASN C 123 16.96 -28.91 -21.61
C ASN C 123 16.47 -27.90 -22.64
N VAL C 124 17.31 -26.96 -23.04
CA VAL C 124 16.89 -25.91 -23.98
C VAL C 124 17.04 -26.42 -25.41
N PHE C 125 15.96 -26.33 -26.18
CA PHE C 125 15.93 -26.80 -27.56
C PHE C 125 15.25 -25.77 -28.46
N PRO C 126 15.71 -25.63 -29.71
CA PRO C 126 15.03 -24.75 -30.66
C PRO C 126 13.78 -25.42 -31.21
N PRO C 127 12.82 -24.64 -31.71
CA PRO C 127 11.60 -25.23 -32.26
C PRO C 127 11.85 -25.88 -33.61
N GLU C 128 10.93 -26.77 -33.98
CA GLU C 128 10.94 -27.45 -35.28
C GLU C 128 9.72 -26.96 -36.06
N VAL C 129 9.94 -26.03 -36.97
CA VAL C 129 8.86 -25.39 -37.72
C VAL C 129 8.48 -26.26 -38.90
N ALA C 130 7.19 -26.30 -39.23
CA ALA C 130 6.71 -27.04 -40.39
C ALA C 130 5.40 -26.44 -40.84
N VAL C 131 5.34 -26.03 -42.11
CA VAL C 131 4.12 -25.46 -42.69
C VAL C 131 3.36 -26.58 -43.39
N PHE C 132 2.05 -26.63 -43.17
CA PHE C 132 1.19 -27.67 -43.72
C PHE C 132 0.25 -27.07 -44.75
N GLU C 133 0.24 -27.66 -45.95
CA GLU C 133 -0.57 -27.14 -47.03
C GLU C 133 -2.05 -27.37 -46.77
N PRO C 134 -2.92 -26.51 -47.32
CA PRO C 134 -4.36 -26.65 -47.07
C PRO C 134 -4.92 -27.94 -47.64
N SER C 135 -6.05 -28.36 -47.07
CA SER C 135 -6.72 -29.59 -47.48
C SER C 135 -7.58 -29.33 -48.71
N GLU C 136 -7.50 -30.24 -49.69
CA GLU C 136 -8.30 -30.10 -50.90
C GLU C 136 -9.79 -30.18 -50.58
N ALA C 137 -10.17 -31.04 -49.64
CA ALA C 137 -11.56 -31.08 -49.19
C ALA C 137 -11.96 -29.77 -48.52
N GLU C 138 -11.05 -29.19 -47.74
CA GLU C 138 -11.32 -27.89 -47.13
C GLU C 138 -11.50 -26.81 -48.19
N ILE C 139 -10.75 -26.89 -49.29
CA ILE C 139 -10.92 -25.96 -50.40
C ILE C 139 -12.33 -26.08 -50.97
N SER C 140 -12.86 -27.30 -51.03
CA SER C 140 -14.19 -27.51 -51.56
C SER C 140 -15.24 -26.84 -50.68
N HIS C 141 -16.25 -26.26 -51.33
CA HIS C 141 -17.43 -25.65 -50.70
C HIS C 141 -17.07 -24.59 -49.65
N THR C 142 -15.82 -24.12 -49.63
CA THR C 142 -15.44 -23.03 -48.76
C THR C 142 -14.72 -21.94 -49.55
N GLN C 143 -13.99 -22.35 -50.58
CA GLN C 143 -13.16 -21.45 -51.40
C GLN C 143 -12.14 -20.70 -50.54
N LYS C 144 -11.71 -21.33 -49.45
CA LYS C 144 -10.73 -20.74 -48.55
C LYS C 144 -9.70 -21.79 -48.19
N ALA C 145 -8.46 -21.35 -47.98
CA ALA C 145 -7.33 -22.23 -47.72
C ALA C 145 -6.83 -22.05 -46.29
N THR C 146 -6.50 -23.16 -45.65
CA THR C 146 -6.05 -23.17 -44.26
C THR C 146 -4.59 -23.63 -44.20
N LEU C 147 -3.66 -22.68 -44.09
CA LEU C 147 -2.26 -22.99 -43.90
C LEU C 147 -1.97 -23.04 -42.40
N VAL C 148 -1.52 -24.20 -41.92
CA VAL C 148 -1.23 -24.40 -40.51
C VAL C 148 0.27 -24.52 -40.32
N CYS C 149 0.82 -23.67 -39.46
CA CYS C 149 2.22 -23.74 -39.06
C CYS C 149 2.31 -24.39 -37.69
N LEU C 150 3.42 -25.07 -37.44
CA LEU C 150 3.60 -25.80 -36.19
C LEU C 150 5.06 -25.70 -35.75
N ALA C 151 5.29 -25.01 -34.64
CA ALA C 151 6.59 -24.99 -33.99
C ALA C 151 6.54 -25.95 -32.81
N THR C 152 7.45 -26.93 -32.79
CA THR C 152 7.39 -28.00 -31.81
C THR C 152 8.79 -28.29 -31.29
N GLY C 153 8.84 -28.91 -30.12
CA GLY C 153 10.10 -29.32 -29.51
C GLY C 153 11.01 -28.18 -29.09
N PHE C 154 10.46 -27.16 -28.44
CA PHE C 154 11.24 -26.03 -27.96
C PHE C 154 11.02 -25.82 -26.47
N TYR C 155 12.04 -25.28 -25.81
CA TYR C 155 12.01 -24.99 -24.39
C TYR C 155 12.97 -23.83 -24.17
N PRO C 156 12.58 -22.77 -23.46
CA PRO C 156 11.29 -22.53 -22.78
C PRO C 156 10.12 -22.27 -23.72
N ASP C 157 9.02 -21.77 -23.15
CA ASP C 157 7.72 -21.75 -23.82
C ASP C 157 7.42 -20.44 -24.53
N HIS C 158 8.37 -19.51 -24.60
CA HIS C 158 8.13 -18.23 -25.25
C HIS C 158 8.70 -18.26 -26.67
N VAL C 159 7.84 -17.95 -27.64
CA VAL C 159 8.22 -17.95 -29.05
C VAL C 159 7.32 -16.98 -29.80
N GLU C 160 7.92 -16.10 -30.59
CA GLU C 160 7.19 -15.12 -31.38
C GLU C 160 7.01 -15.65 -32.80
N LEU C 161 5.76 -15.81 -33.22
CA LEU C 161 5.42 -16.37 -34.52
C LEU C 161 4.73 -15.32 -35.37
N SER C 162 5.00 -15.35 -36.68
CA SER C 162 4.39 -14.44 -37.61
C SER C 162 4.33 -15.09 -38.98
N TRP C 163 3.48 -14.54 -39.85
CA TRP C 163 3.31 -15.03 -41.21
C TRP C 163 3.81 -13.98 -42.19
N TRP C 164 4.60 -14.41 -43.17
CA TRP C 164 5.16 -13.54 -44.20
C TRP C 164 4.79 -14.08 -45.56
N VAL C 165 4.20 -13.23 -46.40
CA VAL C 165 3.91 -13.56 -47.79
C VAL C 165 4.70 -12.60 -48.68
N ASN C 166 5.41 -13.15 -49.65
CA ASN C 166 6.27 -12.38 -50.55
C ASN C 166 7.27 -11.52 -49.77
N GLY C 167 7.65 -11.99 -48.58
CA GLY C 167 8.52 -11.24 -47.72
C GLY C 167 7.90 -10.00 -47.12
N LYS C 168 6.58 -9.92 -47.06
CA LYS C 168 5.86 -8.82 -46.44
C LYS C 168 5.11 -9.36 -45.24
N GLU C 169 5.46 -8.88 -44.04
CA GLU C 169 4.81 -9.34 -42.83
C GLU C 169 3.34 -8.96 -42.85
N VAL C 170 2.48 -9.98 -42.75
CA VAL C 170 1.04 -9.78 -42.84
C VAL C 170 0.37 -10.48 -41.66
N HIS C 171 -0.55 -9.79 -41.02
CA HIS C 171 -1.41 -10.37 -39.99
C HIS C 171 -2.86 -10.42 -40.42
N SER C 172 -3.23 -9.78 -41.54
CA SER C 172 -4.64 -9.67 -41.86
C SER C 172 -5.16 -11.02 -42.34
N GLY C 173 -5.70 -11.80 -41.41
CA GLY C 173 -6.16 -13.15 -41.69
C GLY C 173 -5.59 -14.20 -40.77
N VAL C 174 -4.59 -13.86 -39.97
CA VAL C 174 -3.90 -14.86 -39.15
C VAL C 174 -4.67 -15.20 -37.89
N CYS C 175 -4.25 -16.27 -37.21
CA CYS C 175 -4.78 -16.65 -35.90
C CYS C 175 -3.77 -17.59 -35.26
N THR C 176 -3.42 -17.33 -34.01
CA THR C 176 -2.33 -18.04 -33.34
C THR C 176 -2.78 -18.53 -31.97
N ASP C 177 -2.09 -19.54 -31.46
CA ASP C 177 -2.34 -20.01 -30.11
C ASP C 177 -1.95 -18.93 -29.11
N PRO C 178 -2.69 -18.79 -28.01
CA PRO C 178 -2.32 -17.80 -26.99
C PRO C 178 -1.32 -18.35 -25.98
N GLN C 179 -1.27 -19.68 -25.84
CA GLN C 179 -0.44 -20.28 -24.82
C GLN C 179 0.10 -21.62 -25.32
N PRO C 180 1.42 -21.83 -25.26
CA PRO C 180 1.99 -23.09 -25.75
C PRO C 180 1.56 -24.28 -24.91
N LEU C 181 1.65 -25.46 -25.53
CA LEU C 181 1.18 -26.73 -24.96
C LEU C 181 2.37 -27.63 -24.69
N LYS C 182 2.46 -28.12 -23.46
CA LYS C 182 3.53 -29.04 -23.08
C LYS C 182 3.41 -30.35 -23.84
N GLU C 183 4.55 -30.83 -24.35
CA GLU C 183 4.55 -32.08 -25.11
C GLU C 183 4.36 -33.29 -24.20
N GLN C 184 4.86 -33.25 -22.97
CA GLN C 184 4.65 -34.32 -22.01
C GLN C 184 4.44 -33.69 -20.64
N PRO C 185 3.18 -33.55 -20.21
CA PRO C 185 2.89 -32.85 -18.94
C PRO C 185 3.17 -33.71 -17.69
N ALA C 186 4.38 -34.29 -17.62
CA ALA C 186 4.76 -35.08 -16.47
C ALA C 186 6.07 -34.59 -15.86
N LEU C 187 6.95 -34.07 -16.70
CA LEU C 187 8.25 -33.57 -16.28
C LEU C 187 8.23 -32.05 -16.25
N ASN C 188 9.06 -31.47 -15.38
CA ASN C 188 9.25 -30.03 -15.37
C ASN C 188 9.88 -29.58 -16.67
N ASP C 189 11.08 -30.09 -16.96
CA ASP C 189 11.72 -29.91 -18.25
C ASP C 189 10.95 -30.74 -19.27
N SER C 190 10.04 -30.10 -19.98
CA SER C 190 9.08 -30.79 -20.84
C SER C 190 9.24 -30.42 -22.30
N ARG C 191 9.30 -29.13 -22.63
CA ARG C 191 9.46 -28.57 -23.97
C ARG C 191 8.11 -28.64 -24.68
N TYR C 192 7.70 -27.53 -25.29
CA TYR C 192 6.32 -27.27 -25.67
C TYR C 192 6.19 -27.11 -27.18
N ALA C 193 4.94 -27.01 -27.63
CA ALA C 193 4.62 -26.83 -29.03
C ALA C 193 3.64 -25.67 -29.19
N LEU C 194 3.65 -25.06 -30.38
CA LEU C 194 2.81 -23.91 -30.66
C LEU C 194 2.20 -24.05 -32.05
N SER C 195 0.91 -23.71 -32.17
CA SER C 195 0.16 -23.87 -33.40
C SER C 195 -0.32 -22.51 -33.91
N SER C 196 -0.51 -22.41 -35.22
CA SER C 196 -0.98 -21.18 -35.84
C SER C 196 -1.55 -21.50 -37.21
N ARG C 197 -2.74 -20.99 -37.49
CA ARG C 197 -3.41 -21.20 -38.76
C ARG C 197 -3.35 -19.93 -39.61
N LEU C 198 -3.75 -20.07 -40.88
CA LEU C 198 -3.78 -18.96 -41.81
C LEU C 198 -4.85 -19.21 -42.86
N ARG C 199 -5.72 -18.22 -43.07
CA ARG C 199 -6.82 -18.33 -44.03
C ARG C 199 -6.48 -17.54 -45.28
N VAL C 200 -6.59 -18.20 -46.43
CA VAL C 200 -6.25 -17.62 -47.73
C VAL C 200 -7.33 -18.00 -48.72
N SER C 201 -7.70 -17.06 -49.59
CA SER C 201 -8.72 -17.32 -50.60
C SER C 201 -8.25 -18.38 -51.58
N ALA C 202 -9.22 -19.07 -52.18
CA ALA C 202 -8.90 -20.16 -53.10
C ALA C 202 -8.13 -19.65 -54.32
N THR C 203 -8.52 -18.50 -54.86
CA THR C 203 -7.82 -17.94 -56.02
C THR C 203 -6.40 -17.51 -55.69
N PHE C 204 -6.06 -17.39 -54.40
CA PHE C 204 -4.73 -16.97 -53.98
C PHE C 204 -3.81 -18.13 -53.64
N TRP C 205 -4.32 -19.17 -52.96
CA TRP C 205 -3.51 -20.36 -52.71
C TRP C 205 -3.29 -21.14 -53.98
N GLN C 206 -4.30 -21.21 -54.85
CA GLN C 206 -4.14 -21.90 -56.13
C GLN C 206 -3.10 -21.21 -57.02
N ASN C 207 -2.80 -19.95 -56.74
CA ASN C 207 -1.73 -19.26 -57.46
C ASN C 207 -0.39 -19.84 -57.02
N PRO C 208 0.40 -20.40 -57.92
CA PRO C 208 1.67 -21.02 -57.54
C PRO C 208 2.85 -20.07 -57.45
N ARG C 209 2.63 -18.77 -57.63
CA ARG C 209 3.70 -17.77 -57.55
C ARG C 209 3.73 -17.06 -56.20
N ASN C 210 2.94 -17.52 -55.23
CA ASN C 210 2.89 -16.91 -53.91
C ASN C 210 3.79 -17.67 -52.94
N HIS C 211 4.58 -16.93 -52.16
CA HIS C 211 5.48 -17.51 -51.18
C HIS C 211 4.90 -17.30 -49.79
N PHE C 212 4.82 -18.39 -49.02
CA PHE C 212 4.27 -18.36 -47.67
C PHE C 212 5.38 -18.81 -46.70
N ARG C 213 5.91 -17.87 -45.94
CA ARG C 213 7.00 -18.14 -44.99
C ARG C 213 6.48 -17.91 -43.57
N CYS C 214 6.26 -19.01 -42.85
CA CYS C 214 5.91 -18.93 -41.43
C CYS C 214 7.19 -18.68 -40.64
N GLN C 215 7.29 -17.52 -40.03
CA GLN C 215 8.49 -17.12 -39.30
C GLN C 215 8.29 -17.36 -37.81
N VAL C 216 9.28 -17.99 -37.19
CA VAL C 216 9.24 -18.34 -35.77
C VAL C 216 10.49 -17.80 -35.10
N GLN C 217 10.32 -17.04 -34.03
CA GLN C 217 11.42 -16.45 -33.27
C GLN C 217 11.54 -17.17 -31.94
N PHE C 218 12.73 -17.70 -31.67
CA PHE C 218 12.99 -18.46 -30.45
C PHE C 218 13.98 -17.71 -29.57
N TYR C 219 13.73 -17.74 -28.26
CA TYR C 219 14.60 -17.14 -27.27
C TYR C 219 15.31 -18.26 -26.51
N GLY C 220 16.64 -18.30 -26.62
CA GLY C 220 17.43 -19.32 -25.96
C GLY C 220 18.69 -18.78 -25.33
N LEU C 221 19.78 -19.53 -25.43
CA LEU C 221 21.05 -19.08 -24.91
C LEU C 221 21.60 -17.94 -25.77
N SER C 222 22.63 -17.28 -25.26
CA SER C 222 23.31 -16.20 -25.96
C SER C 222 24.74 -16.61 -26.28
N GLU C 223 25.43 -15.74 -27.02
CA GLU C 223 26.81 -16.00 -27.38
C GLU C 223 27.74 -16.04 -26.17
N ASN C 224 27.34 -15.44 -25.06
CA ASN C 224 28.15 -15.44 -23.84
C ASN C 224 28.00 -16.69 -23.01
N ASP C 225 26.98 -17.52 -23.29
CA ASP C 225 26.76 -18.74 -22.53
C ASP C 225 27.68 -19.85 -23.01
N GLU C 226 27.89 -20.84 -22.13
CA GLU C 226 28.78 -21.96 -22.41
C GLU C 226 27.95 -23.20 -22.71
N TRP C 227 28.28 -23.87 -23.81
CA TRP C 227 27.59 -25.07 -24.25
C TRP C 227 28.56 -26.24 -24.28
N THR C 228 28.12 -27.39 -23.78
CA THR C 228 28.96 -28.57 -23.61
C THR C 228 28.28 -29.80 -24.20
N GLN C 229 27.77 -29.67 -25.43
CA GLN C 229 27.11 -30.77 -26.10
C GLN C 229 27.55 -30.84 -27.55
N ASP C 230 27.57 -32.05 -28.09
CA ASP C 230 27.85 -32.23 -29.52
C ASP C 230 26.73 -31.64 -30.37
N ARG C 231 25.52 -31.55 -29.81
CA ARG C 231 24.41 -30.90 -30.50
C ARG C 231 24.70 -29.42 -30.69
N ALA C 232 24.13 -28.86 -31.75
CA ALA C 232 24.30 -27.43 -32.02
C ALA C 232 23.72 -26.61 -30.87
N LYS C 233 24.39 -25.50 -30.57
CA LYS C 233 24.02 -24.68 -29.43
C LYS C 233 22.67 -24.01 -29.68
N PRO C 234 21.68 -24.20 -28.81
CA PRO C 234 20.33 -23.62 -29.01
C PRO C 234 20.29 -22.14 -28.64
N VAL C 235 20.99 -21.32 -29.42
CA VAL C 235 21.05 -19.89 -29.18
C VAL C 235 19.71 -19.25 -29.54
N THR C 236 19.52 -18.00 -29.11
CA THR C 236 18.37 -17.23 -29.55
C THR C 236 18.46 -17.04 -31.06
N GLN C 237 17.57 -17.69 -31.81
CA GLN C 237 17.69 -17.78 -33.25
C GLN C 237 16.32 -17.69 -33.89
N ILE C 238 16.29 -17.69 -35.22
CA ILE C 238 15.07 -17.67 -35.99
C ILE C 238 15.04 -18.91 -36.87
N VAL C 239 13.99 -19.70 -36.75
CA VAL C 239 13.77 -20.88 -37.58
C VAL C 239 12.44 -20.71 -38.28
N SER C 240 12.44 -20.89 -39.60
CA SER C 240 11.24 -20.65 -40.39
C SER C 240 11.06 -21.76 -41.41
N ALA C 241 9.80 -21.98 -41.80
CA ALA C 241 9.44 -22.95 -42.81
C ALA C 241 8.56 -22.28 -43.86
N GLU C 242 8.55 -22.86 -45.06
CA GLU C 242 7.92 -22.21 -46.20
C GLU C 242 7.18 -23.25 -47.05
N ALA C 243 6.24 -22.75 -47.86
CA ALA C 243 5.47 -23.57 -48.77
C ALA C 243 5.03 -22.72 -49.94
N TRP C 244 4.64 -23.40 -51.03
CA TRP C 244 4.24 -22.73 -52.26
C TRP C 244 2.89 -23.26 -52.71
N GLY C 245 2.16 -22.44 -53.46
CA GLY C 245 0.82 -22.80 -53.89
C GLY C 245 0.82 -23.91 -54.92
N ARG C 246 -0.32 -24.61 -54.97
CA ARG C 246 -0.54 -25.71 -55.89
C ARG C 246 -1.64 -25.33 -56.86
N ALA C 247 -1.36 -25.48 -58.16
CA ALA C 247 -2.34 -25.10 -59.18
C ALA C 247 -3.60 -25.95 -59.08
N ASP C 248 -3.44 -27.25 -58.86
CA ASP C 248 -4.58 -28.15 -58.72
C ASP C 248 -5.05 -28.24 -57.28
N ALA D 2 -3.21 -9.38 7.94
CA ALA D 2 -3.38 -7.93 7.79
C ALA D 2 -4.25 -7.61 6.58
N GLN D 3 -3.70 -7.80 5.39
CA GLN D 3 -4.39 -7.52 4.14
C GLN D 3 -4.43 -8.76 3.27
N LYS D 4 -5.59 -9.02 2.68
CA LYS D 4 -5.77 -10.13 1.74
C LYS D 4 -6.69 -9.71 0.62
N VAL D 5 -6.34 -10.08 -0.61
CA VAL D 5 -7.15 -9.83 -1.79
C VAL D 5 -7.27 -11.14 -2.56
N THR D 6 -8.51 -11.56 -2.84
CA THR D 6 -8.76 -12.83 -3.51
C THR D 6 -9.73 -12.63 -4.68
N GLN D 7 -9.47 -13.35 -5.77
CA GLN D 7 -10.38 -13.43 -6.90
C GLN D 7 -10.71 -14.90 -7.13
N ALA D 8 -11.98 -15.26 -6.95
CA ALA D 8 -12.35 -16.67 -6.86
C ALA D 8 -12.07 -17.43 -8.14
N GLN D 9 -12.57 -16.92 -9.28
CA GLN D 9 -12.47 -17.65 -10.53
C GLN D 9 -11.22 -17.23 -11.30
N SER D 10 -10.86 -18.03 -12.29
CA SER D 10 -9.65 -17.83 -13.07
C SER D 10 -9.91 -17.65 -14.56
N SER D 11 -10.83 -18.41 -15.13
CA SER D 11 -11.12 -18.37 -16.57
C SER D 11 -12.56 -17.94 -16.79
N VAL D 12 -12.76 -16.93 -17.63
CA VAL D 12 -14.07 -16.41 -17.96
C VAL D 12 -14.12 -16.08 -19.46
N SER D 13 -15.23 -16.42 -20.11
CA SER D 13 -15.43 -16.11 -21.51
C SER D 13 -16.80 -15.46 -21.70
N MET D 14 -16.86 -14.53 -22.66
CA MET D 14 -18.10 -13.80 -22.96
C MET D 14 -18.04 -13.29 -24.39
N PRO D 15 -19.14 -13.33 -25.13
CA PRO D 15 -19.10 -12.90 -26.54
C PRO D 15 -18.79 -11.42 -26.70
N VAL D 16 -18.32 -11.08 -27.89
CA VAL D 16 -18.04 -9.69 -28.25
C VAL D 16 -19.33 -8.89 -28.29
N ARG D 17 -19.23 -7.60 -27.95
CA ARG D 17 -20.38 -6.70 -27.90
C ARG D 17 -21.36 -7.13 -26.81
N LYS D 18 -20.83 -7.34 -25.62
CA LYS D 18 -21.62 -7.76 -24.47
C LYS D 18 -20.99 -7.14 -23.22
N ALA D 19 -21.35 -7.65 -22.05
CA ALA D 19 -20.81 -7.16 -20.80
C ALA D 19 -20.55 -8.33 -19.86
N VAL D 20 -19.40 -8.30 -19.19
CA VAL D 20 -19.05 -9.30 -18.19
C VAL D 20 -18.50 -8.59 -16.97
N THR D 21 -18.61 -9.23 -15.81
CA THR D 21 -18.21 -8.65 -14.54
C THR D 21 -17.18 -9.55 -13.87
N LEU D 22 -16.06 -8.95 -13.45
CA LEU D 22 -15.03 -9.64 -12.69
C LEU D 22 -15.09 -9.17 -11.24
N ASN D 23 -15.19 -10.12 -10.32
CA ASN D 23 -15.39 -9.83 -8.91
C ASN D 23 -14.07 -9.81 -8.16
N CYS D 24 -14.09 -9.17 -6.99
CA CYS D 24 -12.91 -9.01 -6.16
C CYS D 24 -13.35 -8.85 -4.71
N LEU D 25 -12.75 -9.65 -3.83
CA LEU D 25 -13.02 -9.59 -2.39
C LEU D 25 -11.72 -9.29 -1.65
N TYR D 26 -11.80 -8.38 -0.67
CA TYR D 26 -10.62 -7.97 0.06
C TYR D 26 -10.92 -7.94 1.55
N GLU D 27 -9.87 -8.12 2.35
CA GLU D 27 -9.95 -8.07 3.81
C GLU D 27 -8.83 -7.15 4.29
N THR D 28 -9.19 -5.94 4.69
CA THR D 28 -8.21 -4.94 5.13
C THR D 28 -8.60 -4.38 6.48
N SER D 29 -7.61 -3.81 7.17
CA SER D 29 -7.81 -3.17 8.46
C SER D 29 -7.50 -1.68 8.39
N TRP D 30 -7.71 -1.08 7.22
CA TRP D 30 -7.43 0.33 6.99
C TRP D 30 -8.73 1.10 6.78
N TRP D 31 -8.80 2.29 7.38
CA TRP D 31 -9.94 3.17 7.15
C TRP D 31 -9.75 4.07 5.93
N SER D 32 -8.56 4.08 5.34
CA SER D 32 -8.27 4.92 4.17
C SER D 32 -7.42 4.09 3.21
N TYR D 33 -8.00 3.69 2.08
CA TYR D 33 -7.32 2.84 1.13
C TYR D 33 -7.91 3.04 -0.25
N TYR D 34 -7.17 2.59 -1.26
CA TYR D 34 -7.61 2.61 -2.64
C TYR D 34 -7.78 1.18 -3.15
N ILE D 35 -8.54 1.05 -4.23
CA ILE D 35 -8.70 -0.20 -4.96
C ILE D 35 -8.30 0.03 -6.40
N PHE D 36 -7.37 -0.78 -6.90
CA PHE D 36 -6.83 -0.64 -8.25
C PHE D 36 -7.17 -1.87 -9.07
N TRP D 37 -7.46 -1.66 -10.35
CA TRP D 37 -7.60 -2.75 -11.32
C TRP D 37 -6.57 -2.56 -12.41
N TYR D 38 -5.79 -3.60 -12.68
CA TYR D 38 -4.77 -3.59 -13.72
C TYR D 38 -5.08 -4.65 -14.76
N LYS D 39 -4.72 -4.36 -16.01
CA LYS D 39 -4.90 -5.28 -17.12
C LYS D 39 -3.54 -5.81 -17.54
N GLN D 40 -3.32 -7.11 -17.33
CA GLN D 40 -2.07 -7.75 -17.73
C GLN D 40 -2.22 -8.28 -19.15
N LEU D 41 -1.46 -7.68 -20.08
CA LEU D 41 -1.45 -8.16 -21.44
C LEU D 41 -0.74 -9.51 -21.52
N PRO D 42 -1.04 -10.31 -22.54
CA PRO D 42 -0.30 -11.58 -22.71
C PRO D 42 1.19 -11.37 -22.92
N SER D 43 1.62 -10.17 -23.33
CA SER D 43 3.03 -9.84 -23.51
C SER D 43 3.73 -9.48 -22.21
N LYS D 44 3.14 -9.83 -21.06
CA LYS D 44 3.71 -9.56 -19.74
C LYS D 44 3.91 -8.05 -19.54
N GLU D 45 2.80 -7.32 -19.52
CA GLU D 45 2.82 -5.89 -19.29
C GLU D 45 1.59 -5.49 -18.46
N MET D 46 1.82 -4.63 -17.47
CA MET D 46 0.77 -4.19 -16.56
C MET D 46 0.34 -2.77 -16.91
N ILE D 47 -0.97 -2.57 -17.06
CA ILE D 47 -1.54 -1.28 -17.42
C ILE D 47 -2.63 -0.92 -16.42
N PHE D 48 -2.59 0.29 -15.89
CA PHE D 48 -3.61 0.77 -14.96
C PHE D 48 -4.94 0.96 -15.68
N LEU D 49 -6.03 0.64 -14.99
CA LEU D 49 -7.37 0.78 -15.56
C LEU D 49 -8.21 1.81 -14.81
N ILE D 50 -8.41 1.65 -13.51
CA ILE D 50 -9.34 2.50 -12.75
C ILE D 50 -9.00 2.38 -11.28
N ARG D 51 -9.32 3.43 -10.52
CA ARG D 51 -9.05 3.49 -9.09
C ARG D 51 -10.36 3.73 -8.33
N GLN D 52 -10.51 3.04 -7.20
CA GLN D 52 -11.67 3.18 -6.34
C GLN D 52 -11.21 3.54 -4.93
N GLY D 53 -11.77 4.62 -4.37
CA GLY D 53 -11.37 5.08 -3.07
C GLY D 53 -12.18 4.48 -1.93
N SER D 54 -11.65 4.63 -0.72
CA SER D 54 -12.31 4.07 0.47
C SER D 54 -13.67 4.73 0.70
N ASP D 55 -13.71 6.05 0.60
CA ASP D 55 -14.96 6.81 0.77
C ASP D 55 -15.29 7.55 -0.52
N GLU D 56 -15.10 6.90 -1.65
CA GLU D 56 -15.47 7.44 -2.95
C GLU D 56 -16.71 6.70 -3.48
N GLN D 57 -17.49 7.40 -4.29
CA GLN D 57 -18.61 6.77 -4.96
C GLN D 57 -18.10 5.77 -6.01
N ASN D 58 -19.03 5.03 -6.60
CA ASN D 58 -18.67 4.04 -7.61
C ASN D 58 -17.90 4.70 -8.74
N ALA D 59 -16.68 4.22 -8.97
CA ALA D 59 -15.81 4.79 -9.99
C ALA D 59 -16.35 4.49 -11.39
N LYS D 60 -15.99 5.33 -12.34
CA LYS D 60 -16.44 5.18 -13.71
C LYS D 60 -15.52 5.94 -14.65
N SER D 61 -15.06 5.26 -15.70
CA SER D 61 -14.21 5.88 -16.71
C SER D 61 -14.28 5.03 -17.97
N GLY D 62 -14.76 5.64 -19.06
CA GLY D 62 -14.88 4.90 -20.32
C GLY D 62 -15.80 3.71 -20.17
N ARG D 63 -15.39 2.59 -20.76
CA ARG D 63 -16.16 1.34 -20.69
C ARG D 63 -16.00 0.63 -19.35
N TYR D 64 -15.35 1.26 -18.37
CA TYR D 64 -15.12 0.65 -17.07
C TYR D 64 -16.10 1.19 -16.05
N SER D 65 -16.57 0.31 -15.18
CA SER D 65 -17.39 0.70 -14.03
C SER D 65 -17.20 -0.33 -12.93
N VAL D 66 -17.49 0.08 -11.71
CA VAL D 66 -17.32 -0.80 -10.55
C VAL D 66 -18.58 -0.77 -9.70
N ASN D 67 -18.78 -1.84 -8.95
CA ASN D 67 -19.89 -1.97 -8.01
C ASN D 67 -19.28 -2.12 -6.62
N PHE D 68 -19.26 -1.05 -5.85
CA PHE D 68 -18.59 -1.00 -4.57
C PHE D 68 -19.57 -1.34 -3.45
N LYS D 69 -19.44 -2.54 -2.88
CA LYS D 69 -20.19 -2.92 -1.68
C LYS D 69 -19.22 -2.86 -0.51
N LYS D 70 -19.09 -1.65 0.05
CA LYS D 70 -18.11 -1.41 1.10
C LYS D 70 -18.45 -2.16 2.38
N ALA D 71 -19.74 -2.39 2.65
CA ALA D 71 -20.14 -3.07 3.88
C ALA D 71 -19.57 -4.48 3.94
N ALA D 72 -19.62 -5.21 2.82
CA ALA D 72 -19.08 -6.56 2.75
C ALA D 72 -17.68 -6.60 2.14
N LYS D 73 -17.10 -5.43 1.84
CA LYS D 73 -15.77 -5.34 1.22
C LYS D 73 -15.75 -6.11 -0.10
N SER D 74 -16.60 -5.70 -1.02
CA SER D 74 -16.75 -6.35 -2.33
C SER D 74 -16.77 -5.29 -3.41
N VAL D 75 -15.78 -5.33 -4.30
CA VAL D 75 -15.70 -4.46 -5.46
C VAL D 75 -15.64 -5.33 -6.70
N ALA D 76 -16.54 -5.08 -7.65
CA ALA D 76 -16.62 -5.87 -8.88
C ALA D 76 -16.41 -4.95 -10.08
N LEU D 77 -15.48 -5.33 -10.94
CA LEU D 77 -15.19 -4.56 -12.15
C LEU D 77 -16.06 -5.07 -13.29
N THR D 78 -16.91 -4.19 -13.83
CA THR D 78 -17.79 -4.51 -14.94
C THR D 78 -17.27 -3.80 -16.18
N ILE D 79 -16.99 -4.57 -17.23
CA ILE D 79 -16.54 -4.03 -18.50
C ILE D 79 -17.70 -4.11 -19.47
N SER D 80 -18.18 -2.96 -19.91
CA SER D 80 -19.32 -2.86 -20.81
C SER D 80 -18.84 -2.64 -22.24
N ALA D 81 -19.69 -3.01 -23.20
CA ALA D 81 -19.38 -2.93 -24.61
C ALA D 81 -18.08 -3.67 -24.92
N LEU D 82 -18.11 -4.99 -24.69
CA LEU D 82 -16.92 -5.80 -24.79
C LEU D 82 -16.33 -5.75 -26.20
N GLN D 83 -15.04 -5.42 -26.27
CA GLN D 83 -14.28 -5.43 -27.51
C GLN D 83 -13.37 -6.66 -27.53
N LEU D 84 -12.65 -6.83 -28.63
CA LEU D 84 -11.74 -7.95 -28.74
C LEU D 84 -10.37 -7.64 -28.13
N GLU D 85 -9.97 -6.37 -28.15
CA GLU D 85 -8.67 -5.98 -27.59
C GLU D 85 -8.65 -6.08 -26.07
N ASP D 86 -9.81 -5.98 -25.43
CA ASP D 86 -9.87 -6.03 -23.97
C ASP D 86 -9.58 -7.42 -23.39
N SER D 87 -9.51 -8.45 -24.23
CA SER D 87 -9.24 -9.80 -23.76
C SER D 87 -7.83 -9.87 -23.20
N ALA D 88 -7.73 -10.08 -21.88
CA ALA D 88 -6.46 -10.11 -21.18
C ALA D 88 -6.69 -10.80 -19.83
N LYS D 89 -5.72 -10.67 -18.93
CA LYS D 89 -5.84 -11.13 -17.56
C LYS D 89 -5.92 -9.92 -16.64
N TYR D 90 -6.95 -9.88 -15.79
CA TYR D 90 -7.27 -8.71 -14.99
C TYR D 90 -7.03 -9.00 -13.51
N PHE D 91 -6.41 -8.04 -12.82
CA PHE D 91 -6.06 -8.17 -11.42
C PHE D 91 -6.63 -7.01 -10.63
N CYS D 92 -6.99 -7.27 -9.38
CA CYS D 92 -7.40 -6.24 -8.44
C CYS D 92 -6.42 -6.21 -7.27
N ALA D 93 -6.08 -5.01 -6.81
CA ALA D 93 -5.14 -4.86 -5.72
C ALA D 93 -5.50 -3.60 -4.93
N LEU D 94 -5.01 -3.55 -3.69
CA LEU D 94 -5.25 -2.41 -2.81
C LEU D 94 -3.94 -1.95 -2.19
N GLY D 95 -3.88 -0.64 -1.89
CA GLY D 95 -2.74 -0.08 -1.21
C GLY D 95 -3.20 0.98 -0.21
N GLU D 96 -2.27 1.36 0.65
CA GLU D 96 -2.57 2.39 1.65
C GLU D 96 -2.76 3.74 0.98
N LEU D 97 -3.88 4.40 1.30
CA LEU D 97 -4.15 5.71 0.75
C LEU D 97 -3.19 6.76 1.31
N ARG D 98 -3.02 6.75 2.63
CA ARG D 98 -2.21 7.77 3.29
C ARG D 98 -0.72 7.54 3.10
N TRP D 99 -0.29 6.27 3.08
CA TRP D 99 1.13 5.92 2.96
C TRP D 99 1.28 4.87 1.86
N PRO D 100 1.27 5.28 0.59
CA PRO D 100 1.36 4.30 -0.50
C PRO D 100 2.71 3.60 -0.55
N ASP D 101 2.71 2.30 -0.24
CA ASP D 101 3.94 1.51 -0.26
C ASP D 101 3.91 0.42 -1.32
N LYS D 102 2.92 -0.48 -1.28
CA LYS D 102 2.90 -1.62 -2.18
C LYS D 102 1.45 -2.00 -2.46
N LEU D 103 1.28 -2.97 -3.35
CA LEU D 103 -0.02 -3.48 -3.74
C LEU D 103 -0.14 -4.94 -3.36
N ILE D 104 -1.26 -5.31 -2.74
CA ILE D 104 -1.59 -6.69 -2.44
C ILE D 104 -2.52 -7.18 -3.55
N PHE D 105 -2.02 -8.07 -4.40
CA PHE D 105 -2.71 -8.46 -5.62
C PHE D 105 -3.60 -9.67 -5.40
N GLY D 106 -4.66 -9.75 -6.22
CA GLY D 106 -5.40 -10.98 -6.35
C GLY D 106 -4.69 -11.95 -7.27
N LYS D 107 -5.23 -13.16 -7.36
CA LYS D 107 -4.58 -14.22 -8.12
C LYS D 107 -4.90 -14.20 -9.61
N GLY D 108 -5.74 -13.27 -10.06
CA GLY D 108 -5.95 -13.07 -11.48
C GLY D 108 -7.27 -13.66 -11.96
N THR D 109 -7.75 -13.11 -13.07
CA THR D 109 -8.99 -13.57 -13.69
C THR D 109 -8.86 -13.36 -15.20
N ARG D 110 -8.59 -14.45 -15.93
CA ARG D 110 -8.41 -14.39 -17.37
C ARG D 110 -9.76 -14.28 -18.07
N VAL D 111 -9.86 -13.33 -19.01
CA VAL D 111 -11.08 -13.13 -19.79
C VAL D 111 -10.74 -13.24 -21.27
N THR D 112 -11.46 -14.10 -21.97
CA THR D 112 -11.34 -14.26 -23.42
C THR D 112 -12.69 -13.96 -24.05
N VAL D 113 -12.67 -13.20 -25.16
CA VAL D 113 -13.89 -12.71 -25.79
C VAL D 113 -14.23 -13.62 -26.96
N GLU D 114 -15.48 -14.09 -26.98
CA GLU D 114 -15.97 -14.89 -28.10
C GLU D 114 -16.36 -13.98 -29.26
N PRO D 115 -15.85 -14.20 -30.46
CA PRO D 115 -16.10 -13.27 -31.57
C PRO D 115 -17.48 -13.48 -32.18
N ASN D 116 -17.80 -12.60 -33.13
CA ASN D 116 -19.05 -12.73 -33.87
C ASN D 116 -19.03 -13.98 -34.74
N ILE D 117 -20.23 -14.55 -34.95
CA ILE D 117 -20.41 -15.71 -35.79
C ILE D 117 -21.60 -15.44 -36.71
N GLN D 118 -21.32 -15.18 -37.99
CA GLN D 118 -22.38 -14.88 -38.94
C GLN D 118 -23.02 -16.14 -39.49
N ASN D 119 -22.25 -16.99 -40.15
CA ASN D 119 -22.75 -18.23 -40.71
C ASN D 119 -21.79 -19.38 -40.41
N PRO D 120 -22.17 -20.30 -39.53
CA PRO D 120 -21.26 -21.39 -39.16
C PRO D 120 -21.37 -22.60 -40.07
N ASP D 121 -20.24 -23.31 -40.19
CA ASP D 121 -20.18 -24.58 -40.91
C ASP D 121 -18.99 -25.39 -40.41
N PRO D 122 -19.04 -25.92 -39.19
CA PRO D 122 -17.88 -26.64 -38.66
C PRO D 122 -17.61 -27.94 -39.42
N ALA D 123 -16.32 -28.27 -39.52
CA ALA D 123 -15.88 -29.48 -40.20
C ALA D 123 -14.45 -29.78 -39.77
N VAL D 124 -13.97 -30.97 -40.15
CA VAL D 124 -12.62 -31.43 -39.83
C VAL D 124 -11.91 -31.78 -41.11
N TYR D 125 -10.65 -31.34 -41.24
CA TYR D 125 -9.85 -31.56 -42.44
C TYR D 125 -8.46 -32.07 -42.03
N GLN D 126 -7.70 -32.49 -43.04
CA GLN D 126 -6.38 -33.07 -42.82
C GLN D 126 -5.36 -32.42 -43.76
N LEU D 127 -4.17 -32.14 -43.23
CA LEU D 127 -3.09 -31.51 -43.97
C LEU D 127 -1.84 -32.36 -43.88
N ARG D 128 -0.93 -32.15 -44.83
CA ARG D 128 0.33 -32.89 -44.87
C ARG D 128 1.50 -31.91 -44.91
N ASP D 129 2.62 -32.35 -44.33
CA ASP D 129 3.82 -31.51 -44.29
C ASP D 129 4.33 -31.26 -45.70
N SER D 130 4.73 -30.01 -45.96
CA SER D 130 5.32 -29.66 -47.25
C SER D 130 6.63 -30.39 -47.47
N LYS D 131 7.46 -30.47 -46.42
CA LYS D 131 8.68 -31.28 -46.50
C LYS D 131 8.36 -32.75 -46.68
N SER D 132 7.16 -33.18 -46.29
CA SER D 132 6.65 -34.53 -46.54
C SER D 132 7.54 -35.59 -45.90
N SER D 133 7.62 -35.55 -44.57
CA SER D 133 8.16 -36.65 -43.78
C SER D 133 7.07 -37.59 -43.29
N ASP D 134 5.99 -37.73 -44.05
CA ASP D 134 4.81 -38.50 -43.66
C ASP D 134 4.16 -37.92 -42.40
N LYS D 135 4.34 -36.63 -42.16
CA LYS D 135 3.74 -35.93 -41.04
C LYS D 135 2.43 -35.28 -41.47
N SER D 136 1.44 -35.30 -40.58
CA SER D 136 0.11 -34.80 -40.91
C SER D 136 -0.54 -34.21 -39.67
N VAL D 137 -1.53 -33.34 -39.91
CA VAL D 137 -2.29 -32.69 -38.85
C VAL D 137 -3.77 -32.73 -39.22
N CYS D 138 -4.62 -32.79 -38.20
CA CYS D 138 -6.07 -32.71 -38.37
C CYS D 138 -6.54 -31.34 -37.89
N LEU D 139 -7.27 -30.64 -38.75
CA LEU D 139 -7.75 -29.29 -38.46
C LEU D 139 -9.26 -29.30 -38.35
N PHE D 140 -9.78 -28.76 -37.24
CA PHE D 140 -11.20 -28.57 -37.03
C PHE D 140 -11.46 -27.07 -36.93
N THR D 141 -12.08 -26.50 -37.96
CA THR D 141 -12.31 -25.06 -38.05
C THR D 141 -13.80 -24.77 -38.16
N ASP D 142 -14.11 -23.48 -38.20
CA ASP D 142 -15.47 -22.97 -38.41
C ASP D 142 -16.44 -23.45 -37.33
N PHE D 143 -15.91 -23.78 -36.15
CA PHE D 143 -16.75 -24.10 -35.01
C PHE D 143 -17.33 -22.81 -34.43
N ASP D 144 -18.47 -22.95 -33.75
CA ASP D 144 -19.11 -21.80 -33.13
C ASP D 144 -18.54 -21.56 -31.74
N SER D 145 -18.92 -20.42 -31.16
CA SER D 145 -18.41 -20.04 -29.85
C SER D 145 -19.05 -20.86 -28.72
N GLN D 146 -20.12 -21.60 -28.99
CA GLN D 146 -20.80 -22.41 -27.99
C GLN D 146 -20.31 -23.84 -27.95
N THR D 147 -19.19 -24.11 -28.57
CA THR D 147 -18.64 -25.45 -28.62
C THR D 147 -17.68 -25.65 -27.47
N ASN D 148 -16.93 -26.74 -27.54
CA ASN D 148 -15.85 -27.00 -26.61
C ASN D 148 -14.55 -26.47 -27.19
N VAL D 149 -13.45 -26.82 -26.54
CA VAL D 149 -12.13 -26.87 -27.15
C VAL D 149 -11.55 -28.26 -27.02
N SER D 150 -11.79 -28.91 -25.88
CA SER D 150 -11.66 -30.35 -25.67
C SER D 150 -10.22 -30.78 -25.40
N GLN D 151 -10.06 -32.07 -25.15
CA GLN D 151 -8.76 -32.70 -24.90
C GLN D 151 -8.98 -34.20 -24.90
N SER D 152 -8.07 -34.93 -25.55
CA SER D 152 -8.15 -36.37 -25.67
C SER D 152 -7.39 -37.04 -24.54
N LYS D 153 -6.95 -38.28 -24.77
CA LYS D 153 -6.36 -39.15 -23.76
C LYS D 153 -5.07 -39.70 -24.35
N ASP D 154 -4.60 -40.82 -23.81
CA ASP D 154 -3.32 -41.44 -24.16
C ASP D 154 -2.14 -40.68 -23.57
N SER D 155 -1.50 -39.85 -24.39
CA SER D 155 -0.28 -39.12 -24.05
C SER D 155 0.20 -38.41 -25.31
N ASP D 156 0.09 -39.09 -26.44
CA ASP D 156 0.29 -38.49 -27.75
C ASP D 156 -1.04 -37.89 -28.20
N VAL D 157 -1.11 -37.47 -29.47
CA VAL D 157 -2.29 -36.82 -30.05
C VAL D 157 -2.58 -35.54 -29.26
N TYR D 158 -2.05 -34.42 -29.74
CA TYR D 158 -2.11 -33.15 -29.04
C TYR D 158 -3.17 -32.25 -29.66
N ILE D 159 -3.92 -31.55 -28.82
CA ILE D 159 -5.00 -30.67 -29.27
C ILE D 159 -4.79 -29.27 -28.70
N THR D 160 -5.21 -28.26 -29.46
CA THR D 160 -5.13 -26.87 -29.04
C THR D 160 -6.50 -26.40 -28.57
N ASP D 161 -6.56 -25.13 -28.14
CA ASP D 161 -7.71 -24.56 -27.44
C ASP D 161 -8.15 -23.25 -28.09
N LYS D 162 -8.34 -23.28 -29.41
CA LYS D 162 -8.87 -22.16 -30.19
C LYS D 162 -7.84 -21.05 -30.32
N CYS D 163 -8.23 -19.92 -30.91
CA CYS D 163 -7.28 -18.86 -31.23
C CYS D 163 -8.01 -17.53 -31.32
N VAL D 164 -7.21 -16.46 -31.39
CA VAL D 164 -7.68 -15.11 -31.64
C VAL D 164 -6.77 -14.47 -32.68
N LEU D 165 -7.24 -13.39 -33.28
CA LEU D 165 -6.57 -12.77 -34.40
C LEU D 165 -5.77 -11.53 -33.98
N ASP D 166 -4.84 -11.15 -34.85
CA ASP D 166 -4.04 -9.95 -34.75
C ASP D 166 -4.86 -8.77 -35.24
N MET D 167 -4.19 -7.68 -35.63
CA MET D 167 -4.84 -6.56 -36.30
C MET D 167 -6.03 -7.01 -37.17
N ARG D 168 -5.79 -7.99 -38.06
CA ARG D 168 -6.86 -8.70 -38.76
C ARG D 168 -7.83 -7.76 -39.44
N SER D 169 -7.30 -6.85 -40.26
CA SER D 169 -8.14 -5.87 -40.94
C SER D 169 -9.03 -6.58 -41.95
N MET D 170 -10.31 -6.73 -41.62
CA MET D 170 -11.28 -7.46 -42.44
C MET D 170 -10.78 -8.87 -42.75
N ASP D 171 -10.47 -9.61 -41.69
CA ASP D 171 -9.93 -10.96 -41.82
C ASP D 171 -11.06 -11.98 -41.95
N PHE D 172 -10.68 -13.27 -42.00
CA PHE D 172 -11.69 -14.33 -42.07
C PHE D 172 -12.53 -14.40 -40.81
N LYS D 173 -11.90 -14.25 -39.65
CA LYS D 173 -12.57 -14.24 -38.35
C LYS D 173 -13.35 -15.54 -38.11
N SER D 174 -12.60 -16.63 -38.02
CA SER D 174 -13.14 -17.95 -37.71
C SER D 174 -12.44 -18.51 -36.48
N ASN D 175 -12.90 -19.69 -36.06
CA ASN D 175 -12.31 -20.41 -34.93
C ASN D 175 -11.61 -21.66 -35.43
N SER D 176 -10.33 -21.80 -35.08
CA SER D 176 -9.49 -22.88 -35.57
C SER D 176 -8.97 -23.71 -34.39
N ALA D 177 -9.25 -25.01 -34.42
CA ALA D 177 -8.69 -25.98 -33.48
C ALA D 177 -7.95 -27.05 -34.27
N VAL D 178 -6.72 -27.34 -33.86
CA VAL D 178 -5.83 -28.21 -34.61
C VAL D 178 -5.33 -29.33 -33.70
N ALA D 179 -5.16 -30.52 -34.28
CA ALA D 179 -4.66 -31.66 -33.54
C ALA D 179 -3.79 -32.50 -34.44
N TRP D 180 -2.83 -33.22 -33.85
CA TRP D 180 -1.96 -34.10 -34.60
C TRP D 180 -1.40 -35.18 -33.69
N SER D 181 -1.14 -36.35 -34.29
CA SER D 181 -0.45 -37.44 -33.62
C SER D 181 0.67 -37.97 -34.51
N ASN D 182 1.30 -39.07 -34.12
CA ASN D 182 2.39 -39.65 -34.92
C ASN D 182 1.85 -40.75 -35.85
N LYS D 183 0.91 -40.34 -36.69
CA LYS D 183 0.32 -41.19 -37.74
C LYS D 183 -0.32 -42.40 -37.08
N SER D 184 0.01 -43.63 -37.50
CA SER D 184 -0.61 -44.84 -36.97
C SER D 184 -2.13 -44.80 -37.15
N ASP D 185 -2.84 -44.40 -36.11
CA ASP D 185 -4.29 -44.26 -36.22
C ASP D 185 -4.66 -43.09 -37.13
N PHE D 186 -4.31 -41.87 -36.71
CA PHE D 186 -4.46 -40.67 -37.52
C PHE D 186 -5.88 -40.53 -38.07
N ALA D 187 -6.87 -40.83 -37.23
CA ALA D 187 -8.28 -40.76 -37.63
C ALA D 187 -8.79 -39.35 -37.36
N CYS D 188 -8.67 -38.49 -38.37
CA CYS D 188 -9.11 -37.10 -38.21
C CYS D 188 -10.61 -37.01 -37.96
N ALA D 189 -11.40 -37.82 -38.68
CA ALA D 189 -12.85 -37.75 -38.56
C ALA D 189 -13.35 -38.24 -37.21
N ASN D 190 -12.51 -38.94 -36.43
CA ASN D 190 -12.91 -39.46 -35.13
C ASN D 190 -12.07 -38.94 -33.98
N ALA D 191 -10.97 -38.23 -34.24
CA ALA D 191 -10.12 -37.75 -33.16
C ALA D 191 -10.84 -36.70 -32.32
N PHE D 192 -11.49 -35.73 -32.97
CA PHE D 192 -12.13 -34.65 -32.23
C PHE D 192 -13.36 -35.14 -31.48
N ASN D 193 -13.98 -36.22 -31.95
CA ASN D 193 -15.18 -36.76 -31.32
C ASN D 193 -14.84 -37.41 -29.98
#